data_7CI5
#
_entry.id   7CI5
#
_cell.length_a   50.311
_cell.length_b   50.470
_cell.length_c   145.857
_cell.angle_alpha   76.73
_cell.angle_beta   76.94
_cell.angle_gamma   60.85
#
_symmetry.space_group_name_H-M   'P 1'
#
loop_
_entity.id
_entity.type
_entity.pdbx_description
1 polymer 'UDP-3-O-acyl-N-acetylglucosamine deacetylase'
2 non-polymer '(3R)-3-azanyl-4-oxidanylidene-4-[[3-(trifluoromethyloxy)phenyl]amino]butanoic acid'
3 non-polymer '3[N-MORPHOLINO]PROPANE SULFONIC ACID'
4 non-polymer 'ZINC ION'
5 water water
#
_entity_poly.entity_id   1
_entity_poly.type   'polypeptide(L)'
_entity_poly.pdbx_seq_one_letter_code
;MIKQRTLKNIIRATGVGLHSGEKVYLTLKPAPVDTGIVFSRTDLDPVVEIPARAENVGETTMSTTLVKGDVKVDTVEHLL
SAMAGLGIDNAYVELSASEVPIMDGSAGPFVFLIQSAGLQEQEAAKKFIRIKREVSVEEGDKRAVFVPFDGFKVSFEIDF
DHPVFRGRTQQASVDFSSTSFVKEVSRARTFGFMRDIEYLRSQNLALGGSVENAIVVDENRVLNEDGLRYEDEFVKHKIL
DAIGDLYLLGNSLIGEFRGFKSGHALNNQLLRTLIADKDAWEVVTFEDARTAPISYMRP
;
_entity_poly.pdbx_strand_id   A,B,C,D
#
# COMPACT_ATOMS: atom_id res chain seq x y z
N MET A 1 28.50 4.13 21.05
CA MET A 1 27.27 3.45 20.56
C MET A 1 26.05 4.05 21.26
N ILE A 2 24.92 4.08 20.56
CA ILE A 2 23.62 4.41 21.19
C ILE A 2 23.26 3.21 22.05
N LYS A 3 23.05 3.44 23.33
CA LYS A 3 22.89 2.34 24.30
C LYS A 3 21.44 2.14 24.73
N GLN A 4 21.16 0.93 25.21
CA GLN A 4 19.85 0.52 25.75
C GLN A 4 19.52 1.34 27.00
N ARG A 5 18.24 1.50 27.31
CA ARG A 5 17.83 2.22 28.55
C ARG A 5 16.86 1.43 29.40
N THR A 6 16.88 1.71 30.70
CA THR A 6 15.96 1.17 31.71
C THR A 6 15.65 2.26 32.71
N LEU A 7 15.09 1.89 33.85
CA LEU A 7 14.74 2.90 34.86
C LEU A 7 15.88 2.97 35.88
N LYS A 8 16.19 4.17 36.34
CA LYS A 8 17.15 4.37 37.44
C LYS A 8 16.54 3.78 38.70
N ASN A 9 15.23 3.90 38.86
CA ASN A 9 14.57 3.55 40.14
C ASN A 9 13.30 2.74 39.95
N ILE A 10 12.89 2.09 41.03
CA ILE A 10 11.53 1.57 41.22
C ILE A 10 10.54 2.72 41.30
N ILE A 11 9.35 2.57 40.72
CA ILE A 11 8.26 3.54 41.03
C ILE A 11 6.85 2.92 41.02
N ARG A 12 6.08 3.32 42.01
CA ARG A 12 4.76 2.74 42.35
C ARG A 12 3.70 3.77 41.99
N ALA A 13 2.64 3.32 41.35
CA ALA A 13 1.48 4.20 41.09
C ALA A 13 0.22 3.42 41.35
N THR A 14 -0.86 4.14 41.56
CA THR A 14 -2.18 3.52 41.84
C THR A 14 -3.22 4.19 40.95
N GLY A 15 -4.25 3.44 40.57
CA GLY A 15 -5.36 3.91 39.73
C GLY A 15 -6.53 2.94 39.71
N VAL A 16 -7.45 3.07 38.77
CA VAL A 16 -8.61 2.14 38.71
C VAL A 16 -8.59 1.31 37.41
N GLY A 17 -9.08 0.08 37.49
CA GLY A 17 -9.19 -0.82 36.32
C GLY A 17 -10.24 -0.32 35.34
N LEU A 18 -9.97 -0.40 34.03
CA LEU A 18 -10.91 0.13 33.01
C LEU A 18 -12.24 -0.63 33.04
N HIS A 19 -12.26 -1.90 33.44
CA HIS A 19 -13.51 -2.70 33.51
C HIS A 19 -13.93 -2.96 34.96
N SER A 20 -12.98 -3.31 35.83
CA SER A 20 -13.25 -3.63 37.26
C SER A 20 -13.80 -2.38 37.95
N GLY A 21 -13.24 -1.22 37.60
CA GLY A 21 -13.61 0.08 38.17
C GLY A 21 -12.99 0.30 39.53
N GLU A 22 -12.10 -0.60 39.97
CA GLU A 22 -11.53 -0.50 41.34
C GLU A 22 -9.99 -0.46 41.31
N LYS A 23 -9.43 -0.01 42.44
CA LYS A 23 -7.99 0.32 42.59
C LYS A 23 -7.14 -0.86 42.11
N VAL A 24 -6.07 -0.55 41.39
CA VAL A 24 -5.04 -1.53 40.95
C VAL A 24 -3.65 -0.96 41.26
N TYR A 25 -2.71 -1.83 41.61
CA TYR A 25 -1.36 -1.41 42.09
C TYR A 25 -0.28 -1.81 41.07
N LEU A 26 0.45 -0.80 40.61
CA LEU A 26 1.45 -0.89 39.50
C LEU A 26 2.84 -0.50 40.00
N THR A 27 3.87 -1.30 39.70
CA THR A 27 5.27 -0.92 40.01
C THR A 27 6.12 -1.06 38.75
N LEU A 28 6.85 -0.01 38.42
CA LEU A 28 7.84 -0.05 37.33
C LEU A 28 9.20 -0.34 37.96
N LYS A 29 9.97 -1.27 37.39
CA LYS A 29 11.30 -1.63 37.93
C LYS A 29 12.35 -1.66 36.84
N PRO A 30 13.63 -1.41 37.20
CA PRO A 30 14.73 -1.54 36.25
C PRO A 30 14.82 -2.99 35.83
N ALA A 31 15.33 -3.25 34.62
CA ALA A 31 15.51 -4.63 34.15
C ALA A 31 16.81 -4.74 33.36
N PRO A 32 17.42 -5.96 33.33
CA PRO A 32 18.69 -6.17 32.64
C PRO A 32 18.56 -5.98 31.12
N VAL A 33 19.67 -5.72 30.44
CA VAL A 33 19.80 -5.62 28.96
C VAL A 33 19.14 -6.84 28.30
N ASP A 34 18.44 -6.60 27.18
CA ASP A 34 17.77 -7.62 26.33
C ASP A 34 16.61 -8.32 27.08
N THR A 35 16.09 -7.72 28.15
CA THR A 35 14.89 -8.26 28.86
C THR A 35 13.64 -7.96 28.02
N GLY A 36 13.57 -6.75 27.46
CA GLY A 36 12.33 -6.16 26.93
C GLY A 36 11.45 -5.62 28.04
N ILE A 37 10.20 -5.31 27.73
CA ILE A 37 9.19 -4.93 28.74
C ILE A 37 8.51 -6.22 29.18
N VAL A 38 8.57 -6.52 30.46
CA VAL A 38 7.97 -7.78 31.02
C VAL A 38 6.93 -7.43 32.07
N PHE A 39 5.75 -7.97 31.89
CA PHE A 39 4.61 -7.77 32.80
C PHE A 39 4.62 -8.95 33.75
N SER A 40 4.29 -8.73 35.00
CA SER A 40 4.17 -9.83 35.98
C SER A 40 3.00 -9.56 36.92
N ARG A 41 2.27 -10.62 37.22
CA ARG A 41 1.08 -10.57 38.08
C ARG A 41 1.47 -10.97 39.50
N THR A 42 1.69 -9.98 40.35
CA THR A 42 2.23 -10.18 41.72
C THR A 42 1.07 -10.43 42.67
N ASP A 43 -0.16 -10.48 42.14
CA ASP A 43 -1.34 -10.84 42.94
C ASP A 43 -1.55 -12.36 42.90
N LEU A 44 -0.68 -13.11 42.22
CA LEU A 44 -0.87 -14.59 42.12
C LEU A 44 0.31 -15.32 42.74
N ASP A 45 0.09 -16.57 43.13
CA ASP A 45 1.16 -17.46 43.64
C ASP A 45 1.12 -18.75 42.83
N PRO A 46 2.20 -19.11 42.10
CA PRO A 46 3.37 -18.25 41.95
C PRO A 46 3.13 -17.04 41.04
N VAL A 47 4.09 -16.12 41.06
CA VAL A 47 4.03 -14.89 40.22
C VAL A 47 4.16 -15.35 38.77
N VAL A 48 3.38 -14.73 37.90
CA VAL A 48 3.30 -15.13 36.46
C VAL A 48 3.83 -13.99 35.60
N GLU A 49 4.71 -14.32 34.67
CA GLU A 49 5.40 -13.30 33.84
C GLU A 49 4.88 -13.37 32.41
N ILE A 50 4.55 -12.21 31.84
CA ILE A 50 4.10 -12.11 30.43
C ILE A 50 4.96 -11.08 29.70
N PRO A 51 5.96 -11.56 28.92
CA PRO A 51 6.73 -10.68 28.04
C PRO A 51 5.80 -9.97 27.06
N ALA A 52 6.06 -8.68 26.83
CA ALA A 52 5.28 -7.83 25.90
C ALA A 52 5.82 -8.07 24.50
N ARG A 53 5.34 -9.15 23.90
CA ARG A 53 5.76 -9.64 22.57
C ARG A 53 4.51 -9.81 21.73
N ALA A 54 4.68 -9.75 20.41
CA ALA A 54 3.60 -9.85 19.42
C ALA A 54 2.84 -11.15 19.64
N GLU A 55 3.59 -12.25 19.86
CA GLU A 55 3.09 -13.65 20.03
C GLU A 55 2.12 -13.77 21.23
N ASN A 56 2.29 -12.99 22.29
CA ASN A 56 1.53 -13.14 23.56
C ASN A 56 0.29 -12.24 23.54
N VAL A 57 -0.19 -11.82 22.37
CA VAL A 57 -1.37 -10.90 22.31
C VAL A 57 -2.61 -11.76 22.15
N GLY A 58 -3.64 -11.49 22.97
CA GLY A 58 -4.91 -12.25 23.05
C GLY A 58 -6.05 -11.62 22.27
N GLU A 59 -7.16 -11.31 22.96
CA GLU A 59 -8.45 -10.98 22.32
C GLU A 59 -8.51 -9.70 21.48
N THR A 60 -7.88 -8.61 21.90
CA THR A 60 -7.87 -7.34 21.10
C THR A 60 -9.26 -6.83 20.71
N THR A 61 -10.28 -7.01 21.54
CA THR A 61 -11.61 -6.46 21.18
C THR A 61 -11.65 -4.95 21.34
N MET A 62 -11.25 -4.46 22.51
CA MET A 62 -11.36 -3.02 22.85
C MET A 62 -10.02 -2.48 23.35
N SER A 63 -9.17 -3.37 23.84
CA SER A 63 -7.82 -2.99 24.28
C SER A 63 -6.83 -4.04 23.77
N THR A 64 -5.54 -3.80 23.91
CA THR A 64 -4.53 -4.82 23.60
C THR A 64 -4.31 -5.60 24.88
N THR A 65 -4.59 -6.89 24.80
CA THR A 65 -4.47 -7.81 25.95
C THR A 65 -3.37 -8.82 25.65
N LEU A 66 -2.43 -8.97 26.58
CA LEU A 66 -1.41 -10.04 26.55
C LEU A 66 -1.95 -11.23 27.36
N VAL A 67 -1.52 -12.45 27.01
CA VAL A 67 -2.09 -13.71 27.55
C VAL A 67 -0.97 -14.73 27.77
N LYS A 68 -1.11 -15.52 28.84
CA LYS A 68 -0.24 -16.69 29.14
C LYS A 68 -1.09 -17.72 29.89
N GLY A 69 -1.53 -18.76 29.17
CA GLY A 69 -2.51 -19.72 29.68
C GLY A 69 -3.79 -19.00 30.08
N ASP A 70 -4.08 -18.94 31.37
CA ASP A 70 -5.32 -18.31 31.91
C ASP A 70 -4.97 -16.95 32.46
N VAL A 71 -3.70 -16.59 32.45
CA VAL A 71 -3.22 -15.30 32.98
C VAL A 71 -3.28 -14.31 31.81
N LYS A 72 -3.79 -13.11 32.05
CA LYS A 72 -3.83 -12.05 31.02
C LYS A 72 -3.48 -10.70 31.66
N VAL A 73 -3.19 -9.70 30.84
CA VAL A 73 -3.11 -8.27 31.26
C VAL A 73 -3.85 -7.44 30.21
N ASP A 74 -4.97 -6.82 30.57
CA ASP A 74 -5.75 -5.94 29.65
C ASP A 74 -5.15 -4.53 29.66
N THR A 75 -5.28 -3.82 28.54
CA THR A 75 -5.00 -2.36 28.36
C THR A 75 -3.51 -2.01 28.53
N VAL A 76 -2.63 -2.67 27.78
CA VAL A 76 -1.16 -2.46 27.86
C VAL A 76 -0.69 -1.35 26.90
N GLU A 77 -1.56 -0.83 26.03
CA GLU A 77 -1.08 -0.05 24.86
C GLU A 77 -0.55 1.32 25.33
N HIS A 78 -1.15 1.96 26.31
CA HIS A 78 -0.82 3.36 26.68
C HIS A 78 0.54 3.41 27.39
N LEU A 79 0.77 2.47 28.31
CA LEU A 79 2.03 2.37 29.05
C LEU A 79 3.15 1.95 28.10
N LEU A 80 2.90 1.02 27.16
CA LEU A 80 3.95 0.56 26.20
C LEU A 80 4.35 1.73 25.31
N SER A 81 3.36 2.57 25.03
CA SER A 81 3.51 3.74 24.15
C SER A 81 4.43 4.74 24.85
N ALA A 82 4.23 4.93 26.15
CA ALA A 82 5.08 5.83 26.97
C ALA A 82 6.49 5.25 26.96
N MET A 83 6.59 3.92 27.12
CA MET A 83 7.89 3.19 27.13
C MET A 83 8.57 3.41 25.79
N ALA A 84 7.84 3.20 24.70
CA ALA A 84 8.35 3.36 23.33
C ALA A 84 8.79 4.81 23.10
N GLY A 85 7.98 5.77 23.55
CA GLY A 85 8.22 7.22 23.34
C GLY A 85 9.47 7.72 24.05
N LEU A 86 9.78 7.22 25.24
CA LEU A 86 10.99 7.64 25.99
C LEU A 86 12.13 6.63 25.81
N GLY A 87 12.09 5.78 24.78
CA GLY A 87 13.15 4.81 24.46
C GLY A 87 13.48 3.87 25.61
N ILE A 88 12.48 3.36 26.32
CA ILE A 88 12.74 2.37 27.41
C ILE A 88 12.74 0.97 26.80
N ASP A 89 13.92 0.36 26.72
CA ASP A 89 14.16 -1.00 26.17
C ASP A 89 13.80 -2.07 27.22
N ASN A 90 14.17 -1.84 28.47
CA ASN A 90 14.14 -2.87 29.54
C ASN A 90 13.37 -2.35 30.76
N ALA A 91 12.28 -3.00 31.15
CA ALA A 91 11.66 -2.71 32.46
C ALA A 91 10.77 -3.89 32.86
N TYR A 92 10.61 -4.06 34.18
CA TYR A 92 9.63 -5.00 34.76
C TYR A 92 8.43 -4.16 35.16
N VAL A 93 7.22 -4.68 34.92
CA VAL A 93 5.95 -3.98 35.28
C VAL A 93 5.12 -4.93 36.12
N GLU A 94 5.06 -4.65 37.43
CA GLU A 94 4.35 -5.49 38.41
C GLU A 94 2.92 -4.99 38.53
N LEU A 95 1.97 -5.91 38.58
CA LEU A 95 0.52 -5.58 38.63
C LEU A 95 -0.16 -6.40 39.71
N SER A 96 -1.04 -5.77 40.46
CA SER A 96 -1.82 -6.45 41.53
C SER A 96 -3.14 -6.97 40.96
N ALA A 97 -3.43 -6.73 39.68
CA ALA A 97 -4.70 -7.18 39.06
C ALA A 97 -4.49 -7.47 37.58
N SER A 98 -5.58 -7.75 36.86
CA SER A 98 -5.57 -8.25 35.47
C SER A 98 -5.39 -7.11 34.46
N GLU A 99 -5.40 -5.84 34.91
CA GLU A 99 -5.25 -4.74 33.94
C GLU A 99 -4.31 -3.63 34.44
N VAL A 100 -3.80 -2.87 33.47
CA VAL A 100 -3.00 -1.65 33.74
C VAL A 100 -3.98 -0.60 34.20
N PRO A 101 -3.64 0.20 35.21
CA PRO A 101 -4.53 1.28 35.62
C PRO A 101 -4.75 2.22 34.43
N ILE A 102 -6.01 2.59 34.22
CA ILE A 102 -6.43 3.46 33.09
C ILE A 102 -5.85 4.86 33.28
N MET A 103 -5.73 5.35 34.53
CA MET A 103 -5.21 6.71 34.85
C MET A 103 -6.07 7.76 34.12
N ASP A 104 -5.50 8.68 33.36
CA ASP A 104 -6.32 9.69 32.62
C ASP A 104 -6.70 9.18 31.21
N GLY A 105 -6.43 7.92 30.86
CA GLY A 105 -6.81 7.33 29.55
C GLY A 105 -5.83 7.67 28.44
N SER A 106 -4.66 8.19 28.78
CA SER A 106 -3.58 8.53 27.83
C SER A 106 -2.27 8.00 28.36
N ALA A 107 -1.16 8.37 27.71
CA ALA A 107 0.20 7.89 28.05
C ALA A 107 0.87 8.84 29.05
N GLY A 108 0.28 10.02 29.26
CA GLY A 108 0.86 11.12 30.06
C GLY A 108 1.24 10.67 31.46
N PRO A 109 0.34 10.05 32.24
CA PRO A 109 0.75 9.57 33.55
C PRO A 109 1.97 8.62 33.51
N PHE A 110 2.08 7.78 32.49
CA PHE A 110 3.18 6.78 32.38
C PHE A 110 4.47 7.51 32.02
N VAL A 111 4.36 8.44 31.09
CA VAL A 111 5.53 9.27 30.66
C VAL A 111 6.05 9.92 31.93
N PHE A 112 5.15 10.51 32.71
CA PHE A 112 5.53 11.27 33.92
C PHE A 112 6.27 10.34 34.90
N LEU A 113 5.68 9.18 35.19
CA LEU A 113 6.26 8.16 36.11
C LEU A 113 7.68 7.77 35.65
N ILE A 114 7.84 7.46 34.37
CA ILE A 114 9.13 6.97 33.83
C ILE A 114 10.16 8.07 34.04
N GLN A 115 9.79 9.31 33.75
CA GLN A 115 10.71 10.46 33.84
C GLN A 115 11.13 10.69 35.30
N SER A 116 10.19 10.58 36.24
CA SER A 116 10.45 10.84 37.69
C SER A 116 11.39 9.77 38.24
N ALA A 117 11.21 8.53 37.76
CA ALA A 117 12.03 7.37 38.18
C ALA A 117 13.44 7.49 37.61
N GLY A 118 13.60 8.21 36.50
CA GLY A 118 14.91 8.47 35.87
C GLY A 118 15.22 7.47 34.76
N LEU A 119 15.90 7.92 33.71
CA LEU A 119 16.31 7.02 32.62
C LEU A 119 17.72 6.54 32.91
N GLN A 120 17.95 5.23 32.89
CA GLN A 120 19.29 4.63 33.15
C GLN A 120 19.83 3.91 31.90
N GLU A 121 20.89 4.46 31.32
CA GLU A 121 21.61 3.85 30.17
C GLU A 121 22.36 2.60 30.61
N GLN A 122 22.35 1.57 29.78
CA GLN A 122 22.94 0.24 30.06
C GLN A 122 24.05 -0.03 29.05
N GLU A 123 25.04 -0.82 29.41
CA GLU A 123 26.29 -0.99 28.61
C GLU A 123 26.06 -2.05 27.52
N ALA A 124 25.09 -1.82 26.64
CA ALA A 124 24.76 -2.69 25.49
C ALA A 124 24.11 -1.81 24.43
N ALA A 125 24.32 -2.17 23.16
CA ALA A 125 23.86 -1.38 22.00
C ALA A 125 22.33 -1.42 21.93
N LYS A 126 21.71 -0.29 21.58
CA LYS A 126 20.25 -0.28 21.32
C LYS A 126 20.00 -1.00 20.00
N LYS A 127 19.11 -1.99 19.99
CA LYS A 127 18.75 -2.73 18.76
C LYS A 127 17.51 -2.12 18.13
N PHE A 128 17.63 -1.71 16.87
CA PHE A 128 16.54 -1.10 16.08
C PHE A 128 16.14 -2.05 14.96
N ILE A 129 14.86 -2.04 14.62
CA ILE A 129 14.31 -2.85 13.50
C ILE A 129 14.01 -1.91 12.35
N ARG A 130 14.83 -1.99 11.31
CA ARG A 130 14.68 -1.17 10.08
C ARG A 130 13.82 -1.94 9.08
N ILE A 131 12.81 -1.27 8.54
CA ILE A 131 11.90 -1.83 7.51
C ILE A 131 12.66 -1.78 6.18
N LYS A 132 12.94 -2.94 5.60
CA LYS A 132 13.68 -3.02 4.31
C LYS A 132 12.70 -2.86 3.14
N ARG A 133 11.52 -3.48 3.20
CA ARG A 133 10.48 -3.27 2.16
C ARG A 133 9.06 -3.38 2.72
N GLU A 134 8.11 -2.95 1.90
CA GLU A 134 6.70 -2.67 2.29
C GLU A 134 6.00 -3.95 2.72
N VAL A 135 5.22 -3.86 3.79
CA VAL A 135 4.39 -4.97 4.33
C VAL A 135 3.02 -4.40 4.66
N SER A 136 1.95 -5.08 4.30
CA SER A 136 0.59 -4.54 4.50
C SER A 136 -0.35 -5.67 4.90
N VAL A 137 -1.32 -5.35 5.73
CA VAL A 137 -2.40 -6.29 6.07
C VAL A 137 -3.71 -5.56 5.84
N GLU A 138 -4.76 -6.32 5.56
CA GLU A 138 -6.09 -5.79 5.21
C GLU A 138 -7.16 -6.63 5.87
N GLU A 139 -8.18 -6.00 6.42
CA GLU A 139 -9.38 -6.73 6.87
C GLU A 139 -10.55 -5.87 6.47
N GLY A 140 -11.32 -6.31 5.48
CA GLY A 140 -12.39 -5.53 4.83
C GLY A 140 -11.87 -4.16 4.40
N ASP A 141 -12.37 -3.09 5.02
CA ASP A 141 -12.05 -1.69 4.65
C ASP A 141 -10.90 -1.17 5.52
N LYS A 142 -10.42 -1.99 6.46
CA LYS A 142 -9.33 -1.63 7.39
C LYS A 142 -8.00 -2.06 6.79
N ARG A 143 -7.01 -1.20 6.90
CA ARG A 143 -5.64 -1.49 6.39
C ARG A 143 -4.56 -0.91 7.32
N ALA A 144 -3.46 -1.63 7.45
CA ALA A 144 -2.26 -1.14 8.17
C ALA A 144 -1.01 -1.52 7.37
N VAL A 145 -0.11 -0.55 7.17
CA VAL A 145 1.07 -0.75 6.28
C VAL A 145 2.34 -0.29 6.98
N PHE A 146 3.44 -1.01 6.71
CA PHE A 146 4.82 -0.58 7.04
C PHE A 146 5.51 -0.16 5.74
N VAL A 147 6.26 0.93 5.78
CA VAL A 147 6.98 1.44 4.58
C VAL A 147 8.41 1.78 4.98
N PRO A 148 9.40 1.49 4.12
CA PRO A 148 10.76 1.94 4.37
C PRO A 148 10.75 3.46 4.45
N PHE A 149 11.38 3.95 5.49
CA PHE A 149 11.49 5.40 5.77
C PHE A 149 12.65 5.55 6.72
N ASP A 150 13.50 6.54 6.48
CA ASP A 150 14.72 6.74 7.29
C ASP A 150 14.38 7.65 8.47
N GLY A 151 13.81 7.09 9.53
CA GLY A 151 13.38 7.84 10.72
C GLY A 151 12.20 7.12 11.32
N PHE A 152 11.35 7.80 12.07
CA PHE A 152 10.13 7.14 12.57
C PHE A 152 8.94 8.05 12.29
N LYS A 153 8.09 7.62 11.37
CA LYS A 153 6.88 8.39 10.98
C LYS A 153 5.66 7.50 11.16
N VAL A 154 4.56 8.06 11.67
CA VAL A 154 3.27 7.34 11.88
C VAL A 154 2.13 8.19 11.35
N SER A 155 1.27 7.59 10.54
CA SER A 155 0.10 8.27 9.94
C SER A 155 -1.15 7.43 10.16
N PHE A 156 -2.26 8.11 10.36
CA PHE A 156 -3.54 7.44 10.64
C PHE A 156 -4.68 8.23 10.00
N GLU A 157 -5.63 7.49 9.45
CA GLU A 157 -6.81 8.08 8.79
C GLU A 157 -8.03 7.23 9.15
N ILE A 158 -9.16 7.87 9.41
CA ILE A 158 -10.41 7.13 9.72
C ILE A 158 -11.64 7.98 9.41
N ASP A 159 -12.50 7.43 8.57
CA ASP A 159 -13.81 8.03 8.23
C ASP A 159 -14.76 7.44 9.26
N PHE A 160 -15.01 8.21 10.30
CA PHE A 160 -15.88 7.77 11.41
C PHE A 160 -17.21 8.47 11.18
N ASP A 161 -18.27 7.69 11.03
CA ASP A 161 -19.62 8.19 10.67
C ASP A 161 -20.35 8.60 11.95
N HIS A 162 -19.96 9.74 12.51
CA HIS A 162 -20.61 10.36 13.68
C HIS A 162 -20.56 11.86 13.45
N PRO A 163 -21.68 12.57 13.78
CA PRO A 163 -21.82 14.00 13.53
C PRO A 163 -20.74 14.92 14.10
N VAL A 164 -20.06 14.47 15.15
CA VAL A 164 -19.01 15.29 15.83
C VAL A 164 -17.83 15.50 14.89
N PHE A 165 -17.71 14.68 13.83
CA PHE A 165 -16.66 14.80 12.78
C PHE A 165 -17.12 15.54 11.52
N ARG A 166 -18.37 16.00 11.44
CA ARG A 166 -18.86 16.87 10.33
C ARG A 166 -18.60 16.23 8.97
N GLY A 167 -18.91 14.94 8.80
CA GLY A 167 -18.77 14.24 7.50
C GLY A 167 -17.32 14.09 7.04
N ARG A 168 -16.32 14.56 7.79
CA ARG A 168 -14.92 14.62 7.32
C ARG A 168 -14.13 13.42 7.84
N THR A 169 -13.39 12.77 6.96
CA THR A 169 -12.31 11.81 7.29
C THR A 169 -11.37 12.46 8.31
N GLN A 170 -10.91 11.70 9.30
CA GLN A 170 -9.97 12.24 10.31
C GLN A 170 -8.56 11.77 9.99
N GLN A 171 -7.63 12.71 9.79
CA GLN A 171 -6.26 12.31 9.43
C GLN A 171 -5.23 13.09 10.24
N ALA A 172 -4.16 12.40 10.63
CA ALA A 172 -3.01 12.98 11.34
C ALA A 172 -1.74 12.21 10.96
N SER A 173 -0.61 12.89 10.93
CA SER A 173 0.69 12.30 10.52
C SER A 173 1.81 12.93 11.34
N VAL A 174 2.61 12.09 11.99
CA VAL A 174 3.68 12.59 12.90
C VAL A 174 5.01 11.94 12.52
N ASP A 175 5.92 12.73 11.96
CA ASP A 175 7.35 12.40 11.82
C ASP A 175 8.01 12.70 13.16
N PHE A 176 8.66 11.73 13.80
CA PHE A 176 9.24 11.96 15.14
C PHE A 176 10.69 12.46 15.07
N SER A 177 11.21 12.84 13.90
CA SER A 177 12.50 13.57 13.80
C SER A 177 12.26 15.03 14.21
N SER A 178 11.12 15.58 13.79
CA SER A 178 10.80 17.04 13.92
C SER A 178 9.62 17.30 14.86
N THR A 179 8.95 16.29 15.42
CA THR A 179 7.86 16.52 16.42
C THR A 179 8.02 15.61 17.64
N SER A 180 7.61 16.13 18.80
CA SER A 180 7.83 15.50 20.13
C SER A 180 6.66 14.57 20.46
N PHE A 181 6.95 13.31 20.78
CA PHE A 181 5.93 12.33 21.23
C PHE A 181 5.27 12.80 22.53
N VAL A 182 6.07 13.25 23.51
CA VAL A 182 5.56 13.65 24.86
C VAL A 182 4.62 14.87 24.71
N LYS A 183 5.09 15.92 24.05
CA LYS A 183 4.38 17.20 23.93
C LYS A 183 3.11 17.02 23.09
N GLU A 184 3.18 16.32 21.97
CA GLU A 184 2.10 16.42 20.95
C GLU A 184 1.32 15.13 20.74
N VAL A 185 1.73 14.01 21.29
CA VAL A 185 0.99 12.73 21.10
C VAL A 185 0.59 12.09 22.42
N SER A 186 1.44 12.14 23.46
CA SER A 186 1.31 11.31 24.69
C SER A 186 0.04 11.62 25.50
N ARG A 187 -0.50 12.83 25.47
CA ARG A 187 -1.63 13.20 26.38
C ARG A 187 -3.00 12.97 25.71
N ALA A 188 -3.04 12.46 24.48
CA ALA A 188 -4.30 12.28 23.71
C ALA A 188 -5.22 11.27 24.40
N ARG A 189 -6.50 11.62 24.49
CA ARG A 189 -7.56 10.74 25.02
C ARG A 189 -8.43 10.30 23.87
N THR A 190 -9.14 9.20 24.02
CA THR A 190 -10.06 8.73 22.97
C THR A 190 -11.42 9.38 23.16
N PHE A 191 -12.33 9.13 22.22
CA PHE A 191 -13.72 9.60 22.28
C PHE A 191 -14.51 8.44 22.86
N GLY A 192 -15.11 8.65 24.02
CA GLY A 192 -16.16 7.77 24.55
C GLY A 192 -17.52 8.24 24.06
N PHE A 193 -18.44 7.30 23.79
CA PHE A 193 -19.81 7.66 23.36
C PHE A 193 -20.79 7.17 24.40
N MET A 194 -21.78 8.00 24.76
CA MET A 194 -22.81 7.67 25.78
C MET A 194 -23.54 6.38 25.37
N ARG A 195 -23.76 6.17 24.07
CA ARG A 195 -24.43 4.93 23.58
C ARG A 195 -23.53 3.72 23.87
N ASP A 196 -22.23 3.77 23.52
CA ASP A 196 -21.27 2.66 23.76
C ASP A 196 -21.08 2.46 25.27
N ILE A 197 -20.78 3.53 26.01
CA ILE A 197 -20.53 3.50 27.48
C ILE A 197 -21.80 3.05 28.19
N GLU A 198 -22.92 3.69 27.84
CA GLU A 198 -24.28 3.45 28.41
C GLU A 198 -24.57 1.95 28.39
N TYR A 199 -24.35 1.31 27.24
CA TYR A 199 -24.54 -0.15 27.05
C TYR A 199 -23.55 -0.91 27.93
N LEU A 200 -22.26 -0.58 27.83
CA LEU A 200 -21.13 -1.37 28.41
C LEU A 200 -21.27 -1.44 29.94
N ARG A 201 -21.54 -0.30 30.58
CA ARG A 201 -21.80 -0.20 32.04
C ARG A 201 -22.96 -1.12 32.43
N SER A 202 -24.03 -1.05 31.63
CA SER A 202 -25.27 -1.82 31.82
C SER A 202 -25.08 -3.29 31.41
N GLN A 203 -23.97 -3.62 30.75
CA GLN A 203 -23.57 -5.03 30.46
C GLN A 203 -22.36 -5.43 31.33
N ASN A 204 -22.15 -4.71 32.44
CA ASN A 204 -21.06 -4.93 33.44
C ASN A 204 -19.68 -4.77 32.80
N LEU A 205 -19.47 -3.70 32.04
CA LEU A 205 -18.18 -3.43 31.37
C LEU A 205 -17.79 -1.98 31.58
N ALA A 206 -16.50 -1.70 31.38
CA ALA A 206 -15.90 -0.36 31.38
C ALA A 206 -16.46 0.45 32.56
N LEU A 207 -16.40 -0.14 33.75
CA LEU A 207 -16.88 0.44 35.03
C LEU A 207 -15.92 1.57 35.47
N GLY A 208 -14.75 1.65 34.82
CA GLY A 208 -13.68 2.65 34.98
C GLY A 208 -13.82 3.86 34.07
N GLY A 209 -14.41 3.76 32.88
CA GLY A 209 -14.58 4.94 31.99
C GLY A 209 -15.32 6.08 32.69
N SER A 210 -14.91 7.32 32.43
CA SER A 210 -15.57 8.55 32.95
C SER A 210 -15.00 9.77 32.21
N VAL A 211 -15.41 10.98 32.62
CA VAL A 211 -14.83 12.24 32.06
C VAL A 211 -13.36 12.35 32.48
N GLU A 212 -12.85 11.46 33.33
CA GLU A 212 -11.47 11.57 33.84
C GLU A 212 -10.53 10.88 32.86
N ASN A 213 -11.01 9.89 32.12
CA ASN A 213 -10.11 9.09 31.25
C ASN A 213 -10.53 9.09 29.77
N ALA A 214 -11.59 9.81 29.40
CA ALA A 214 -12.04 9.85 28.00
C ALA A 214 -12.78 11.17 27.71
N ILE A 215 -12.92 11.49 26.44
CA ILE A 215 -13.71 12.66 25.97
C ILE A 215 -15.10 12.11 25.71
N VAL A 216 -16.08 12.38 26.57
CA VAL A 216 -17.41 11.73 26.45
C VAL A 216 -18.18 12.46 25.36
N VAL A 217 -18.74 11.68 24.45
CA VAL A 217 -19.46 12.17 23.25
C VAL A 217 -20.84 11.50 23.25
N ASP A 218 -21.87 12.24 22.82
CA ASP A 218 -23.29 11.90 23.09
C ASP A 218 -24.08 11.48 21.83
N GLU A 219 -23.39 11.05 20.77
CA GLU A 219 -23.88 10.66 19.40
C GLU A 219 -24.22 11.91 18.57
N ASN A 220 -23.98 13.11 19.09
CA ASN A 220 -24.16 14.42 18.40
C ASN A 220 -22.91 15.31 18.58
N ARG A 221 -22.31 15.31 19.76
CA ARG A 221 -21.33 16.36 20.13
C ARG A 221 -20.50 15.91 21.32
N VAL A 222 -19.31 16.50 21.47
CA VAL A 222 -18.48 16.34 22.70
C VAL A 222 -19.23 17.05 23.82
N LEU A 223 -19.33 16.43 24.99
CA LEU A 223 -20.29 16.89 26.01
C LEU A 223 -19.75 18.08 26.79
N ASN A 224 -18.56 18.00 27.36
CA ASN A 224 -17.87 19.25 27.76
C ASN A 224 -16.49 19.23 27.13
N GLU A 225 -16.26 20.22 26.27
CA GLU A 225 -15.07 20.38 25.39
C GLU A 225 -13.89 20.87 26.24
N ASP A 226 -14.11 21.08 27.53
CA ASP A 226 -13.06 21.45 28.52
C ASP A 226 -12.01 20.33 28.56
N GLY A 227 -12.45 19.09 28.30
CA GLY A 227 -11.61 17.86 28.28
C GLY A 227 -10.55 17.87 27.18
N LEU A 228 -10.81 18.54 26.06
CA LEU A 228 -9.89 18.47 24.90
C LEU A 228 -8.52 18.99 25.30
N ARG A 229 -7.48 18.35 24.81
CA ARG A 229 -6.09 18.85 24.94
C ARG A 229 -5.48 19.09 23.56
N TYR A 230 -6.05 18.49 22.50
CA TYR A 230 -5.48 18.60 21.14
C TYR A 230 -6.54 18.86 20.06
N GLU A 231 -6.12 19.57 19.03
CA GLU A 231 -6.78 19.57 17.70
C GLU A 231 -6.62 18.18 17.10
N ASP A 232 -7.67 17.62 16.48
CA ASP A 232 -7.63 16.27 15.86
C ASP A 232 -7.20 15.26 16.92
N GLU A 233 -7.76 15.37 18.12
CA GLU A 233 -7.30 14.58 19.29
C GLU A 233 -7.57 13.10 19.05
N PHE A 234 -8.69 12.76 18.43
CA PHE A 234 -9.16 11.35 18.32
C PHE A 234 -8.19 10.55 17.43
N VAL A 235 -7.73 11.12 16.31
CA VAL A 235 -6.74 10.41 15.45
C VAL A 235 -5.42 10.31 16.20
N LYS A 236 -5.11 11.33 16.99
CA LYS A 236 -3.85 11.34 17.76
C LYS A 236 -3.83 10.17 18.75
N HIS A 237 -4.95 9.86 19.41
CA HIS A 237 -5.02 8.70 20.33
C HIS A 237 -4.85 7.42 19.51
N LYS A 238 -5.36 7.41 18.27
CA LYS A 238 -5.14 6.26 17.36
C LYS A 238 -3.64 6.11 17.11
N ILE A 239 -2.93 7.20 16.86
CA ILE A 239 -1.44 7.22 16.71
C ILE A 239 -0.80 6.75 18.02
N LEU A 240 -1.31 7.20 19.17
CA LEU A 240 -0.72 6.78 20.47
C LEU A 240 -0.90 5.26 20.62
N ASP A 241 -2.08 4.71 20.34
CA ASP A 241 -2.33 3.26 20.49
C ASP A 241 -1.39 2.51 19.55
N ALA A 242 -1.17 3.07 18.37
CA ALA A 242 -0.38 2.43 17.31
C ALA A 242 1.07 2.28 17.81
N ILE A 243 1.57 3.23 18.59
CA ILE A 243 3.00 3.18 18.98
C ILE A 243 3.15 2.11 20.06
N GLY A 244 2.14 1.93 20.90
CA GLY A 244 2.13 0.89 21.95
C GLY A 244 2.02 -0.50 21.36
N ASP A 245 1.12 -0.65 20.42
CA ASP A 245 0.97 -1.91 19.66
C ASP A 245 2.31 -2.23 18.97
N LEU A 246 2.92 -1.27 18.24
CA LEU A 246 4.18 -1.49 17.44
C LEU A 246 5.35 -1.89 18.34
N TYR A 247 5.33 -1.50 19.61
CA TYR A 247 6.48 -1.74 20.51
C TYR A 247 6.52 -3.20 20.99
N LEU A 248 5.44 -3.95 20.80
CA LEU A 248 5.37 -5.41 21.14
C LEU A 248 6.37 -6.18 20.25
N LEU A 249 7.00 -5.50 19.29
CA LEU A 249 8.18 -6.00 18.54
C LEU A 249 9.31 -6.20 19.53
N GLY A 250 9.35 -5.42 20.61
CA GLY A 250 10.43 -5.48 21.60
C GLY A 250 11.59 -4.59 21.22
N ASN A 251 11.45 -3.81 20.15
CA ASN A 251 12.52 -2.91 19.68
C ASN A 251 11.93 -1.67 19.02
N SER A 252 12.68 -0.58 19.01
CA SER A 252 12.31 0.68 18.32
C SER A 252 12.32 0.43 16.81
N LEU A 253 11.58 1.28 16.10
CA LEU A 253 11.23 1.03 14.67
C LEU A 253 11.85 2.13 13.80
N ILE A 254 12.67 1.77 12.82
CA ILE A 254 13.14 2.70 11.74
C ILE A 254 12.29 2.40 10.51
N GLY A 255 11.36 3.29 10.19
CA GLY A 255 10.43 3.05 9.09
C GLY A 255 9.15 3.82 9.29
N GLU A 256 8.13 3.50 8.50
CA GLU A 256 6.92 4.33 8.44
C GLU A 256 5.72 3.44 8.66
N PHE A 257 4.78 3.90 9.49
CA PHE A 257 3.51 3.18 9.75
C PHE A 257 2.34 3.98 9.18
N ARG A 258 1.43 3.31 8.49
CA ARG A 258 0.21 3.97 7.94
C ARG A 258 -1.03 3.18 8.36
N GLY A 259 -1.96 3.82 9.08
CA GLY A 259 -3.18 3.18 9.59
C GLY A 259 -4.40 3.69 8.87
N PHE A 260 -5.22 2.81 8.32
CA PHE A 260 -6.48 3.20 7.65
C PHE A 260 -7.62 2.52 8.39
N LYS A 261 -8.19 3.25 9.33
CA LYS A 261 -9.29 2.76 10.20
C LYS A 261 -8.81 1.52 10.97
N SER A 262 -7.51 1.37 11.23
CA SER A 262 -6.97 0.17 11.91
C SER A 262 -7.10 0.29 13.43
N GLY A 263 -6.78 -0.80 14.12
CA GLY A 263 -6.70 -0.85 15.58
C GLY A 263 -5.89 -2.04 16.04
N HIS A 264 -6.23 -2.57 17.20
CA HIS A 264 -5.38 -3.53 17.94
C HIS A 264 -5.26 -4.83 17.14
N ALA A 265 -6.36 -5.36 16.60
CA ALA A 265 -6.34 -6.63 15.85
C ALA A 265 -5.37 -6.49 14.67
N LEU A 266 -5.55 -5.44 13.87
CA LEU A 266 -4.81 -5.33 12.59
C LEU A 266 -3.35 -4.93 12.86
N ASN A 267 -3.11 -4.09 13.86
CA ASN A 267 -1.74 -3.68 14.27
C ASN A 267 -0.89 -4.90 14.63
N ASN A 268 -1.45 -5.81 15.43
CA ASN A 268 -0.76 -7.09 15.81
C ASN A 268 -0.66 -8.01 14.58
N GLN A 269 -1.67 -8.02 13.71
CA GLN A 269 -1.63 -8.84 12.46
C GLN A 269 -0.49 -8.29 11.61
N LEU A 270 -0.37 -6.97 11.48
CA LEU A 270 0.75 -6.37 10.70
C LEU A 270 2.08 -6.78 11.33
N LEU A 271 2.14 -6.83 12.66
CA LEU A 271 3.41 -7.12 13.36
C LEU A 271 3.84 -8.55 13.04
N ARG A 272 2.94 -9.52 13.23
CA ARG A 272 3.25 -10.96 12.99
C ARG A 272 3.60 -11.15 11.52
N THR A 273 2.91 -10.44 10.64
CA THR A 273 3.18 -10.50 9.19
C THR A 273 4.62 -10.05 8.91
N LEU A 274 5.07 -8.94 9.51
CA LEU A 274 6.45 -8.44 9.29
C LEU A 274 7.46 -9.48 9.81
N ILE A 275 7.26 -9.98 11.04
CA ILE A 275 8.23 -10.90 11.71
C ILE A 275 8.42 -12.12 10.81
N ALA A 276 7.34 -12.63 10.23
CA ALA A 276 7.35 -13.79 9.31
C ALA A 276 8.18 -13.47 8.06
N ASP A 277 8.16 -12.22 7.61
CA ASP A 277 8.82 -11.77 6.35
C ASP A 277 10.28 -11.41 6.63
N LYS A 278 11.18 -12.39 6.62
CA LYS A 278 12.60 -12.20 7.06
C LYS A 278 13.34 -11.21 6.16
N ASP A 279 12.98 -11.08 4.89
CA ASP A 279 13.68 -10.15 3.96
C ASP A 279 13.16 -8.72 4.12
N ALA A 280 12.03 -8.53 4.82
CA ALA A 280 11.36 -7.22 5.01
C ALA A 280 12.12 -6.35 6.01
N TRP A 281 12.84 -6.93 6.97
CA TRP A 281 13.39 -6.12 8.08
C TRP A 281 14.80 -6.61 8.40
N GLU A 282 15.51 -5.80 9.17
CA GLU A 282 16.84 -6.16 9.69
C GLU A 282 17.03 -5.42 11.01
N VAL A 283 18.01 -5.84 11.78
CA VAL A 283 18.31 -5.23 13.10
C VAL A 283 19.62 -4.46 12.95
N VAL A 284 19.67 -3.28 13.56
CA VAL A 284 20.86 -2.41 13.40
C VAL A 284 21.09 -1.61 14.66
N THR A 285 22.37 -1.42 14.92
CA THR A 285 22.85 -0.59 16.04
C THR A 285 23.59 0.58 15.41
N PHE A 286 23.80 1.63 16.17
CA PHE A 286 24.45 2.85 15.67
C PHE A 286 25.56 3.29 16.61
N GLU A 287 26.49 4.02 16.01
CA GLU A 287 27.44 4.92 16.70
C GLU A 287 26.68 6.19 17.13
N ASP A 288 27.18 6.92 18.13
CA ASP A 288 26.70 8.29 18.42
C ASP A 288 27.81 9.30 18.11
N MET B 1 -10.23 73.86 20.77
CA MET B 1 -11.32 73.16 21.50
C MET B 1 -11.63 71.84 20.78
N ILE B 2 -12.21 70.90 21.53
CA ILE B 2 -12.72 69.65 20.94
C ILE B 2 -13.89 70.04 20.05
N LYS B 3 -13.75 69.78 18.77
CA LYS B 3 -14.76 70.29 17.81
C LYS B 3 -15.73 69.18 17.40
N GLN B 4 -16.88 69.60 16.90
CA GLN B 4 -17.92 68.68 16.38
C GLN B 4 -17.37 67.96 15.14
N ARG B 5 -18.01 66.87 14.75
CA ARG B 5 -17.56 66.12 13.55
C ARG B 5 -18.73 65.69 12.67
N THR B 6 -18.45 65.62 11.37
CA THR B 6 -19.39 65.13 10.36
C THR B 6 -18.64 64.28 9.36
N LEU B 7 -19.30 63.92 8.28
CA LEU B 7 -18.62 63.11 7.23
C LEU B 7 -17.94 64.05 6.23
N LYS B 8 -16.75 63.67 5.80
CA LYS B 8 -16.01 64.36 4.70
C LYS B 8 -16.78 64.18 3.39
N ASN B 9 -17.43 63.04 3.20
CA ASN B 9 -18.03 62.69 1.89
C ASN B 9 -19.40 62.04 2.06
N ILE B 10 -20.17 62.04 0.96
CA ILE B 10 -21.33 61.15 0.72
C ILE B 10 -20.85 59.70 0.64
N ILE B 11 -21.63 58.78 1.19
CA ILE B 11 -21.38 57.33 0.94
C ILE B 11 -22.67 56.49 0.93
N ARG B 12 -22.70 55.55 0.01
CA ARG B 12 -23.92 54.80 -0.37
C ARG B 12 -23.68 53.36 -0.01
N ALA B 13 -24.69 52.69 0.48
CA ALA B 13 -24.58 51.26 0.83
C ALA B 13 -25.92 50.59 0.60
N THR B 14 -25.89 49.28 0.41
CA THR B 14 -27.10 48.46 0.21
C THR B 14 -27.01 47.22 1.10
N GLY B 15 -28.17 46.67 1.38
CA GLY B 15 -28.35 45.52 2.27
C GLY B 15 -29.81 45.19 2.29
N VAL B 16 -30.24 44.24 3.08
CA VAL B 16 -31.70 43.90 3.06
C VAL B 16 -32.35 44.29 4.40
N GLY B 17 -33.66 44.52 4.35
CA GLY B 17 -34.46 44.88 5.53
C GLY B 17 -34.57 43.71 6.48
N LEU B 18 -34.33 43.91 7.77
CA LEU B 18 -34.38 42.81 8.76
C LEU B 18 -35.78 42.21 8.77
N HIS B 19 -36.82 43.02 8.74
CA HIS B 19 -38.23 42.54 8.69
C HIS B 19 -38.66 42.29 7.25
N SER B 20 -38.42 43.26 6.36
CA SER B 20 -38.92 43.26 4.95
C SER B 20 -38.24 42.13 4.18
N GLY B 21 -36.96 41.90 4.47
CA GLY B 21 -36.15 40.86 3.82
C GLY B 21 -35.73 41.28 2.43
N GLU B 22 -35.88 42.56 2.09
CA GLU B 22 -35.58 43.05 0.72
C GLU B 22 -34.54 44.17 0.72
N LYS B 23 -33.96 44.42 -0.45
CA LYS B 23 -32.82 45.36 -0.62
C LYS B 23 -33.30 46.77 -0.27
N VAL B 24 -32.51 47.48 0.54
CA VAL B 24 -32.83 48.86 0.98
C VAL B 24 -31.63 49.77 0.73
N TYR B 25 -31.87 51.00 0.26
CA TYR B 25 -30.82 51.91 -0.28
C TYR B 25 -30.51 53.02 0.73
N LEU B 26 -29.25 53.07 1.17
CA LEU B 26 -28.80 53.92 2.31
C LEU B 26 -27.77 54.93 1.86
N THR B 27 -27.98 56.21 2.16
CA THR B 27 -26.92 57.22 1.89
C THR B 27 -26.57 57.97 3.18
N LEU B 28 -25.27 58.05 3.47
CA LEU B 28 -24.74 58.87 4.57
C LEU B 28 -24.27 60.20 3.96
N LYS B 29 -24.60 61.32 4.59
CA LYS B 29 -24.19 62.64 4.07
C LYS B 29 -23.66 63.51 5.19
N PRO B 30 -22.78 64.48 4.85
CA PRO B 30 -22.32 65.47 5.80
C PRO B 30 -23.50 66.35 6.16
N ALA B 31 -23.46 66.97 7.34
CA ALA B 31 -24.54 67.86 7.82
C ALA B 31 -23.96 69.00 8.65
N PRO B 32 -24.68 70.14 8.73
CA PRO B 32 -24.19 71.31 9.44
C PRO B 32 -24.14 71.07 10.96
N VAL B 33 -23.30 71.84 11.64
CA VAL B 33 -23.18 71.82 13.13
C VAL B 33 -24.57 71.92 13.78
N ASP B 34 -24.77 71.15 14.86
CA ASP B 34 -25.99 71.13 15.72
C ASP B 34 -27.22 70.61 14.96
N THR B 35 -27.01 69.85 13.89
CA THR B 35 -28.10 69.14 13.19
C THR B 35 -28.47 67.92 14.01
N GLY B 36 -27.46 67.22 14.52
CA GLY B 36 -27.60 65.88 15.09
C GLY B 36 -27.64 64.84 13.98
N ILE B 37 -28.11 63.63 14.28
CA ILE B 37 -28.31 62.59 13.25
C ILE B 37 -29.76 62.69 12.81
N VAL B 38 -29.97 62.87 11.51
CA VAL B 38 -31.34 63.02 10.95
C VAL B 38 -31.57 61.94 9.90
N PHE B 39 -32.69 61.23 10.04
CA PHE B 39 -33.11 60.18 9.10
C PHE B 39 -34.09 60.83 8.15
N SER B 40 -34.01 60.49 6.87
CA SER B 40 -35.00 60.97 5.88
C SER B 40 -35.44 59.82 4.98
N ARG B 41 -36.72 59.83 4.63
CA ARG B 41 -37.29 58.81 3.73
C ARG B 41 -37.36 59.41 2.32
N THR B 42 -36.41 59.03 1.50
CA THR B 42 -36.27 59.55 0.13
C THR B 42 -37.17 58.75 -0.81
N ASP B 43 -37.88 57.74 -0.31
CA ASP B 43 -38.83 56.96 -1.12
C ASP B 43 -40.18 57.67 -1.15
N LEU B 44 -40.35 58.75 -0.39
CA LEU B 44 -41.66 59.42 -0.27
C LEU B 44 -41.62 60.80 -0.91
N ASP B 45 -42.79 61.25 -1.34
CA ASP B 45 -42.97 62.65 -1.78
C ASP B 45 -44.09 63.26 -0.95
N PRO B 46 -43.83 64.33 -0.18
CA PRO B 46 -42.49 64.90 -0.03
C PRO B 46 -41.58 64.04 0.86
N VAL B 47 -40.29 64.37 0.85
CA VAL B 47 -39.29 63.68 1.72
C VAL B 47 -39.70 63.97 3.16
N VAL B 48 -39.64 62.95 4.01
CA VAL B 48 -40.02 63.07 5.45
C VAL B 48 -38.76 62.89 6.30
N GLU B 49 -38.50 63.85 7.19
CA GLU B 49 -37.27 63.90 8.00
C GLU B 49 -37.61 63.47 9.43
N ILE B 50 -36.85 62.52 9.97
CA ILE B 50 -37.00 62.06 11.39
C ILE B 50 -35.66 62.22 12.12
N PRO B 51 -35.56 63.27 12.94
CA PRO B 51 -34.42 63.48 13.82
C PRO B 51 -34.29 62.32 14.82
N ALA B 52 -33.07 61.85 15.06
CA ALA B 52 -32.78 60.77 16.02
C ALA B 52 -32.73 61.38 17.42
N ARG B 53 -33.90 61.57 18.02
CA ARG B 53 -34.03 62.18 19.35
C ARG B 53 -34.88 61.25 20.21
N ALA B 54 -34.70 61.32 21.52
CA ALA B 54 -35.36 60.43 22.50
C ALA B 54 -36.89 60.50 22.32
N GLU B 55 -37.44 61.67 22.03
CA GLU B 55 -38.90 61.93 21.97
C GLU B 55 -39.50 61.30 20.68
N ASN B 56 -38.69 61.06 19.66
CA ASN B 56 -39.21 60.52 18.37
C ASN B 56 -39.16 59.00 18.36
N VAL B 57 -38.97 58.35 19.50
CA VAL B 57 -38.90 56.87 19.53
C VAL B 57 -40.34 56.35 19.69
N GLY B 58 -40.72 55.39 18.85
CA GLY B 58 -42.07 54.81 18.85
C GLY B 58 -42.16 53.59 19.76
N GLU B 59 -43.17 52.75 19.53
CA GLU B 59 -43.27 51.45 20.25
C GLU B 59 -42.18 50.55 19.69
N THR B 60 -41.52 49.80 20.56
CA THR B 60 -40.21 49.18 20.27
C THR B 60 -40.06 47.83 20.94
N THR B 61 -40.78 46.83 20.42
CA THR B 61 -40.60 45.39 20.71
C THR B 61 -39.15 44.94 20.44
N MET B 62 -38.75 44.97 19.17
CA MET B 62 -37.64 44.15 18.61
C MET B 62 -36.45 45.04 18.22
N SER B 63 -36.71 46.31 17.96
CA SER B 63 -35.73 47.28 17.47
C SER B 63 -36.05 48.64 18.09
N THR B 64 -35.16 49.60 17.93
CA THR B 64 -35.44 51.01 18.27
C THR B 64 -35.98 51.66 17.01
N THR B 65 -37.21 52.16 17.07
CA THR B 65 -37.94 52.70 15.91
C THR B 65 -38.28 54.15 16.21
N LEU B 66 -37.84 55.04 15.33
CA LEU B 66 -38.18 56.48 15.34
C LEU B 66 -39.47 56.67 14.55
N VAL B 67 -40.29 57.64 14.94
CA VAL B 67 -41.67 57.83 14.40
C VAL B 67 -41.96 59.31 14.14
N LYS B 68 -42.67 59.61 13.06
CA LYS B 68 -43.33 60.92 12.82
C LYS B 68 -44.63 60.66 12.05
N GLY B 69 -45.77 60.93 12.70
CA GLY B 69 -47.09 60.59 12.14
C GLY B 69 -47.15 59.11 11.79
N ASP B 70 -47.22 58.75 10.51
CA ASP B 70 -47.20 57.33 10.06
C ASP B 70 -45.80 56.95 9.60
N VAL B 71 -44.95 57.95 9.36
CA VAL B 71 -43.58 57.67 8.85
C VAL B 71 -42.77 57.10 10.02
N LYS B 72 -41.98 56.07 9.76
CA LYS B 72 -41.12 55.46 10.79
C LYS B 72 -39.78 55.04 10.17
N VAL B 73 -38.78 54.76 11.00
CA VAL B 73 -37.55 54.02 10.57
C VAL B 73 -37.25 52.99 11.65
N ASP B 74 -37.25 51.70 11.29
CA ASP B 74 -36.93 50.59 12.22
C ASP B 74 -35.42 50.36 12.24
N THR B 75 -34.88 49.84 13.35
CA THR B 75 -33.52 49.22 13.45
C THR B 75 -32.41 50.28 13.30
N VAL B 76 -32.52 51.39 14.03
CA VAL B 76 -31.55 52.53 13.96
C VAL B 76 -30.39 52.33 14.93
N GLU B 77 -30.46 51.34 15.83
CA GLU B 77 -29.53 51.29 16.98
C GLU B 77 -28.10 50.96 16.50
N HIS B 78 -27.90 50.07 15.53
CA HIS B 78 -26.51 49.63 15.23
C HIS B 78 -25.76 50.76 14.51
N LEU B 79 -26.40 51.46 13.59
CA LEU B 79 -25.77 52.62 12.89
C LEU B 79 -25.57 53.78 13.87
N LEU B 80 -26.52 54.06 14.78
CA LEU B 80 -26.38 55.18 15.75
C LEU B 80 -25.20 54.88 16.69
N SER B 81 -25.04 53.60 16.98
CA SER B 81 -23.97 53.07 17.85
C SER B 81 -22.62 53.35 17.18
N ALA B 82 -22.51 53.06 15.88
CA ALA B 82 -21.30 53.33 15.07
C ALA B 82 -21.00 54.82 15.09
N MET B 83 -22.05 55.63 14.93
CA MET B 83 -21.94 57.12 14.88
C MET B 83 -21.41 57.61 16.23
N ALA B 84 -21.98 57.11 17.32
CA ALA B 84 -21.59 57.48 18.70
C ALA B 84 -20.17 57.03 18.98
N GLY B 85 -19.82 55.81 18.60
CA GLY B 85 -18.46 55.26 18.81
C GLY B 85 -17.38 55.99 18.03
N LEU B 86 -17.69 56.55 16.86
CA LEU B 86 -16.67 57.29 16.06
C LEU B 86 -16.86 58.80 16.22
N GLY B 87 -17.57 59.25 17.25
CA GLY B 87 -17.75 60.68 17.59
C GLY B 87 -18.39 61.47 16.46
N ILE B 88 -19.39 60.92 15.78
CA ILE B 88 -20.10 61.65 14.69
C ILE B 88 -21.30 62.40 15.28
N ASP B 89 -21.20 63.73 15.30
CA ASP B 89 -22.22 64.64 15.90
C ASP B 89 -23.33 64.92 14.88
N ASN B 90 -22.98 65.10 13.61
CA ASN B 90 -23.88 65.60 12.54
C ASN B 90 -23.86 64.69 11.30
N ALA B 91 -25.00 64.21 10.85
CA ALA B 91 -25.05 63.53 9.54
C ALA B 91 -26.49 63.41 9.07
N TYR B 92 -26.64 63.30 7.77
CA TYR B 92 -27.94 62.98 7.15
C TYR B 92 -27.83 61.52 6.74
N VAL B 93 -28.89 60.78 7.02
CA VAL B 93 -28.99 59.35 6.65
C VAL B 93 -30.24 59.22 5.80
N GLU B 94 -30.06 58.93 4.53
CA GLU B 94 -31.18 58.82 3.58
C GLU B 94 -31.51 57.35 3.33
N LEU B 95 -32.80 57.05 3.21
CA LEU B 95 -33.28 55.65 3.10
C LEU B 95 -34.37 55.54 2.04
N SER B 96 -34.34 54.44 1.29
CA SER B 96 -35.36 54.14 0.26
C SER B 96 -36.51 53.33 0.89
N ALA B 97 -36.44 53.00 2.18
CA ALA B 97 -37.46 52.15 2.82
C ALA B 97 -37.57 52.53 4.29
N SER B 98 -38.40 51.78 5.02
CA SER B 98 -38.82 52.13 6.40
C SER B 98 -37.88 51.52 7.43
N GLU B 99 -36.80 50.89 7.00
CA GLU B 99 -35.82 50.36 7.97
C GLU B 99 -34.40 50.57 7.46
N VAL B 100 -33.48 50.62 8.40
CA VAL B 100 -32.02 50.62 8.10
C VAL B 100 -31.68 49.21 7.67
N PRO B 101 -30.84 49.05 6.64
CA PRO B 101 -30.37 47.73 6.29
C PRO B 101 -29.63 47.10 7.48
N ILE B 102 -29.89 45.82 7.67
CA ILE B 102 -29.36 45.04 8.82
C ILE B 102 -27.85 44.77 8.62
N MET B 103 -27.40 44.64 7.37
CA MET B 103 -25.99 44.33 7.03
C MET B 103 -25.56 43.03 7.77
N ASP B 104 -24.51 43.05 8.58
CA ASP B 104 -24.07 41.81 9.27
C ASP B 104 -24.61 41.75 10.71
N GLY B 105 -25.60 42.58 11.04
CA GLY B 105 -26.31 42.57 12.34
C GLY B 105 -25.52 43.27 13.43
N SER B 106 -24.40 43.91 13.09
CA SER B 106 -23.55 44.65 14.05
C SER B 106 -23.29 46.06 13.54
N ALA B 107 -22.43 46.81 14.22
CA ALA B 107 -22.10 48.21 13.90
C ALA B 107 -20.88 48.27 12.97
N GLY B 108 -20.15 47.17 12.82
CA GLY B 108 -18.90 47.08 12.04
C GLY B 108 -19.02 47.64 10.62
N PRO B 109 -20.04 47.24 9.84
CA PRO B 109 -20.15 47.78 8.49
C PRO B 109 -20.41 49.31 8.48
N PHE B 110 -21.13 49.83 9.46
CA PHE B 110 -21.40 51.28 9.60
C PHE B 110 -20.10 51.97 9.99
N VAL B 111 -19.35 51.38 10.90
CA VAL B 111 -18.05 51.95 11.33
C VAL B 111 -17.18 52.07 10.07
N PHE B 112 -17.18 51.03 9.25
CA PHE B 112 -16.32 50.96 8.04
C PHE B 112 -16.72 52.07 7.07
N LEU B 113 -18.01 52.20 6.79
CA LEU B 113 -18.56 53.24 5.88
C LEU B 113 -18.16 54.64 6.37
N ILE B 114 -18.30 54.90 7.66
CA ILE B 114 -18.00 56.23 8.25
C ILE B 114 -16.49 56.52 8.09
N GLN B 115 -15.64 55.54 8.38
CA GLN B 115 -14.16 55.73 8.23
C GLN B 115 -13.82 55.98 6.76
N SER B 116 -14.52 55.31 5.84
CA SER B 116 -14.20 55.37 4.39
C SER B 116 -14.62 56.72 3.82
N ALA B 117 -15.76 57.25 4.30
CA ALA B 117 -16.26 58.58 3.92
C ALA B 117 -15.31 59.63 4.47
N GLY B 118 -14.68 59.35 5.60
CA GLY B 118 -13.74 60.26 6.27
C GLY B 118 -14.43 61.08 7.34
N LEU B 119 -13.72 61.43 8.40
CA LEU B 119 -14.30 62.25 9.50
C LEU B 119 -13.92 63.70 9.24
N GLN B 120 -14.89 64.60 9.31
CA GLN B 120 -14.68 66.04 9.03
C GLN B 120 -15.00 66.89 10.27
N GLU B 121 -13.99 67.54 10.82
CA GLU B 121 -14.13 68.46 11.99
C GLU B 121 -14.85 69.73 11.53
N GLN B 122 -15.72 70.26 12.38
CA GLN B 122 -16.50 71.48 12.09
C GLN B 122 -16.12 72.55 13.12
N GLU B 123 -16.27 73.83 12.77
CA GLU B 123 -15.81 74.95 13.63
C GLU B 123 -16.89 75.27 14.67
N ALA B 124 -17.15 74.36 15.59
CA ALA B 124 -18.06 74.57 16.73
C ALA B 124 -17.68 73.56 17.79
N ALA B 125 -17.87 73.94 19.06
CA ALA B 125 -17.48 73.10 20.21
C ALA B 125 -18.34 71.83 20.24
N LYS B 126 -17.72 70.68 20.53
CA LYS B 126 -18.49 69.43 20.74
C LYS B 126 -19.21 69.53 22.08
N LYS B 127 -20.52 69.33 22.08
CA LYS B 127 -21.30 69.43 23.35
C LYS B 127 -21.42 68.03 23.94
N PHE B 128 -20.95 67.85 25.17
CA PHE B 128 -21.08 66.59 25.93
C PHE B 128 -22.08 66.80 27.04
N ILE B 129 -22.76 65.73 27.41
CA ILE B 129 -23.73 65.72 28.53
C ILE B 129 -23.10 64.97 29.69
N ARG B 130 -22.87 65.68 30.80
CA ARG B 130 -22.27 65.13 32.03
C ARG B 130 -23.39 64.81 33.03
N ILE B 131 -23.35 63.60 33.56
CA ILE B 131 -24.34 63.10 34.56
C ILE B 131 -23.91 63.72 35.89
N LYS B 132 -24.72 64.63 36.43
CA LYS B 132 -24.46 65.31 37.72
C LYS B 132 -24.76 64.33 38.82
N ARG B 133 -25.91 63.65 38.74
CA ARG B 133 -26.28 62.66 39.77
C ARG B 133 -27.14 61.52 39.20
N GLU B 134 -27.32 60.51 40.04
CA GLU B 134 -27.89 59.20 39.67
C GLU B 134 -29.35 59.33 39.23
N VAL B 135 -29.66 58.64 38.15
CA VAL B 135 -31.03 58.52 37.59
C VAL B 135 -31.21 57.05 37.26
N SER B 136 -32.40 56.51 37.48
CA SER B 136 -32.65 55.08 37.26
C SER B 136 -34.12 54.85 36.96
N VAL B 137 -34.37 53.90 36.09
CA VAL B 137 -35.74 53.45 35.76
C VAL B 137 -35.79 51.96 36.05
N GLU B 138 -36.99 51.47 36.35
CA GLU B 138 -37.25 50.04 36.65
C GLU B 138 -38.53 49.64 35.93
N GLU B 139 -38.55 48.40 35.47
CA GLU B 139 -39.78 47.78 34.97
C GLU B 139 -39.68 46.30 35.30
N GLY B 140 -40.53 45.84 36.22
CA GLY B 140 -40.41 44.54 36.90
C GLY B 140 -38.99 44.30 37.38
N ASP B 141 -38.28 43.38 36.73
CA ASP B 141 -36.95 42.92 37.18
C ASP B 141 -35.87 43.52 36.29
N LYS B 142 -36.24 44.38 35.34
CA LYS B 142 -35.27 45.04 34.43
C LYS B 142 -34.94 46.40 35.00
N ARG B 143 -33.69 46.83 34.87
CA ARG B 143 -33.29 48.16 35.38
C ARG B 143 -32.23 48.82 34.49
N ALA B 144 -32.32 50.13 34.35
CA ALA B 144 -31.28 50.94 33.69
C ALA B 144 -30.96 52.16 34.55
N VAL B 145 -29.67 52.42 34.73
CA VAL B 145 -29.17 53.43 35.70
C VAL B 145 -28.11 54.26 35.02
N PHE B 146 -28.13 55.56 35.30
CA PHE B 146 -27.03 56.49 34.98
C PHE B 146 -26.35 56.86 36.29
N VAL B 147 -25.02 56.79 36.31
CA VAL B 147 -24.23 57.19 37.50
C VAL B 147 -23.15 58.16 37.04
N PRO B 148 -22.83 59.17 37.86
CA PRO B 148 -21.70 60.02 37.52
C PRO B 148 -20.44 59.18 37.42
N PHE B 149 -19.67 59.49 36.41
CA PHE B 149 -18.37 58.85 36.15
C PHE B 149 -17.60 59.84 35.29
N ASP B 150 -16.33 60.05 35.61
CA ASP B 150 -15.48 60.94 34.79
C ASP B 150 -14.92 60.10 33.65
N GLY B 151 -15.61 60.06 32.52
CA GLY B 151 -15.23 59.24 31.36
C GLY B 151 -16.48 58.68 30.74
N PHE B 152 -16.36 57.61 29.96
CA PHE B 152 -17.58 56.91 29.47
C PHE B 152 -17.46 55.43 29.82
N LYS B 153 -18.33 54.96 30.69
CA LYS B 153 -18.37 53.53 31.08
C LYS B 153 -19.76 52.96 30.83
N VAL B 154 -19.82 51.76 30.23
CA VAL B 154 -21.09 51.03 30.03
C VAL B 154 -20.99 49.60 30.58
N SER B 155 -21.97 49.19 31.38
CA SER B 155 -22.03 47.82 31.97
C SER B 155 -23.38 47.18 31.69
N PHE B 156 -23.35 45.87 31.48
CA PHE B 156 -24.58 45.11 31.19
C PHE B 156 -24.53 43.73 31.86
N GLU B 157 -25.64 43.36 32.47
CA GLU B 157 -25.83 42.06 33.17
C GLU B 157 -27.16 41.47 32.73
N ILE B 158 -27.20 40.18 32.48
CA ILE B 158 -28.49 39.54 32.14
C ILE B 158 -28.45 38.06 32.48
N ASP B 159 -29.49 37.62 33.17
CA ASP B 159 -29.70 36.19 33.51
C ASP B 159 -30.77 35.73 32.53
N PHE B 160 -30.30 35.22 31.40
CA PHE B 160 -31.13 34.67 30.32
C PHE B 160 -31.21 33.17 30.57
N ASP B 161 -32.42 32.64 30.73
CA ASP B 161 -32.60 31.22 31.12
C ASP B 161 -32.56 30.36 29.83
N HIS B 162 -31.36 30.12 29.34
CA HIS B 162 -31.13 29.29 28.13
C HIS B 162 -29.86 28.50 28.35
N PRO B 163 -29.88 27.19 28.01
CA PRO B 163 -28.75 26.28 28.20
C PRO B 163 -27.38 26.71 27.67
N VAL B 164 -27.38 27.53 26.63
CA VAL B 164 -26.13 27.98 25.95
C VAL B 164 -25.32 28.84 26.92
N PHE B 165 -25.97 29.42 27.93
CA PHE B 165 -25.34 30.24 28.99
C PHE B 165 -24.96 29.44 30.24
N ARG B 166 -25.22 28.13 30.29
CA ARG B 166 -24.72 27.23 31.35
C ARG B 166 -25.13 27.73 32.75
N GLY B 167 -26.39 28.15 32.91
CA GLY B 167 -26.95 28.61 34.19
C GLY B 167 -26.34 29.90 34.70
N ARG B 168 -25.42 30.54 33.96
CA ARG B 168 -24.65 31.69 34.47
C ARG B 168 -25.25 32.99 33.97
N THR B 169 -25.26 34.00 34.83
CA THR B 169 -25.53 35.41 34.50
C THR B 169 -24.52 35.84 33.41
N GLN B 170 -24.94 36.72 32.52
CA GLN B 170 -24.03 37.24 31.46
C GLN B 170 -23.59 38.65 31.83
N GLN B 171 -22.29 38.84 31.92
CA GLN B 171 -21.76 40.11 32.44
C GLN B 171 -20.60 40.60 31.58
N ALA B 172 -20.68 41.87 31.20
CA ALA B 172 -19.61 42.59 30.49
C ALA B 172 -19.66 44.07 30.85
N SER B 173 -18.50 44.69 30.84
CA SER B 173 -18.33 46.09 31.27
C SER B 173 -17.16 46.70 30.49
N VAL B 174 -17.42 47.80 29.79
CA VAL B 174 -16.39 48.49 28.99
C VAL B 174 -16.25 49.94 29.45
N ASP B 175 -15.07 50.26 29.98
CA ASP B 175 -14.58 51.65 30.16
C ASP B 175 -13.94 52.07 28.84
N PHE B 176 -14.37 53.20 28.29
CA PHE B 176 -13.95 53.61 26.93
C PHE B 176 -12.78 54.59 26.97
N SER B 177 -12.04 54.69 28.08
CA SER B 177 -10.74 55.41 28.13
C SER B 177 -9.60 54.43 27.85
N SER B 178 -9.80 53.15 28.14
CA SER B 178 -8.76 52.10 28.03
C SER B 178 -9.20 50.94 27.10
N THR B 179 -10.36 51.01 26.47
CA THR B 179 -10.83 49.91 25.57
C THR B 179 -11.53 50.50 24.34
N SER B 180 -11.18 49.98 23.16
CA SER B 180 -11.64 50.48 21.83
C SER B 180 -13.07 50.00 21.56
N PHE B 181 -13.98 50.91 21.30
CA PHE B 181 -15.34 50.55 20.82
C PHE B 181 -15.21 49.80 19.49
N VAL B 182 -14.35 50.26 18.58
CA VAL B 182 -14.26 49.73 17.19
C VAL B 182 -13.78 48.28 17.25
N LYS B 183 -12.66 48.03 17.90
CA LYS B 183 -12.03 46.70 17.94
C LYS B 183 -12.84 45.76 18.85
N GLU B 184 -13.38 46.19 20.00
CA GLU B 184 -13.97 45.15 20.88
C GLU B 184 -15.47 45.28 21.18
N VAL B 185 -16.21 46.22 20.61
CA VAL B 185 -17.68 46.19 20.79
C VAL B 185 -18.41 46.15 19.45
N SER B 186 -17.96 46.91 18.46
CA SER B 186 -18.73 47.27 17.24
C SER B 186 -19.11 46.05 16.39
N ARG B 187 -18.36 44.96 16.43
CA ARG B 187 -18.60 43.80 15.53
C ARG B 187 -19.52 42.75 16.18
N ALA B 188 -19.95 42.95 17.43
CA ALA B 188 -20.77 41.97 18.18
C ALA B 188 -22.13 41.76 17.49
N ARG B 189 -22.54 40.51 17.37
CA ARG B 189 -23.84 40.13 16.81
C ARG B 189 -24.70 39.64 17.96
N THR B 190 -26.01 39.63 17.79
CA THR B 190 -26.92 39.10 18.82
C THR B 190 -27.10 37.60 18.61
N PHE B 191 -27.71 36.94 19.58
CA PHE B 191 -28.06 35.51 19.48
C PHE B 191 -29.44 35.44 18.85
N GLY B 192 -29.55 34.76 17.72
CA GLY B 192 -30.83 34.37 17.13
C GLY B 192 -31.25 33.03 17.69
N PHE B 193 -32.51 32.85 18.01
CA PHE B 193 -33.00 31.54 18.49
C PHE B 193 -33.93 30.96 17.45
N MET B 194 -33.65 29.72 17.03
CA MET B 194 -34.44 29.02 15.98
C MET B 194 -35.93 29.06 16.36
N ARG B 195 -36.26 28.82 17.63
CA ARG B 195 -37.65 28.92 18.17
C ARG B 195 -38.21 30.33 17.88
N ASP B 196 -37.49 31.40 18.25
CA ASP B 196 -37.93 32.81 18.01
C ASP B 196 -38.03 33.08 16.49
N ILE B 197 -36.95 32.82 15.74
CA ILE B 197 -36.89 33.09 14.27
C ILE B 197 -37.92 32.22 13.56
N GLU B 198 -37.98 30.95 13.95
CA GLU B 198 -38.88 29.90 13.39
C GLU B 198 -40.31 30.45 13.38
N TYR B 199 -40.80 30.90 14.54
CA TYR B 199 -42.16 31.48 14.69
C TYR B 199 -42.25 32.80 13.92
N LEU B 200 -41.25 33.68 14.03
CA LEU B 200 -41.30 35.06 13.46
C LEU B 200 -41.43 35.05 11.93
N ARG B 201 -40.72 34.14 11.25
CA ARG B 201 -40.83 33.98 9.78
C ARG B 201 -42.17 33.37 9.43
N SER B 202 -42.68 32.57 10.35
CA SER B 202 -43.99 31.86 10.23
C SER B 202 -45.14 32.86 10.20
N GLN B 203 -44.99 34.01 10.85
CA GLN B 203 -46.08 35.01 10.89
C GLN B 203 -45.61 36.35 10.29
N ASN B 204 -45.12 36.31 9.04
CA ASN B 204 -44.86 37.47 8.15
C ASN B 204 -43.86 38.47 8.74
N LEU B 205 -42.80 38.01 9.43
CA LEU B 205 -41.82 38.93 10.06
C LEU B 205 -40.40 38.34 10.08
N ALA B 206 -39.42 39.25 10.23
CA ALA B 206 -37.97 38.99 10.33
C ALA B 206 -37.46 38.19 9.12
N LEU B 207 -37.99 38.49 7.93
CA LEU B 207 -37.64 37.80 6.65
C LEU B 207 -36.17 38.08 6.31
N GLY B 208 -35.55 39.03 7.00
CA GLY B 208 -34.14 39.42 6.82
C GLY B 208 -33.15 38.58 7.62
N GLY B 209 -33.54 37.98 8.75
CA GLY B 209 -32.59 37.26 9.64
C GLY B 209 -31.95 36.04 8.99
N SER B 210 -30.68 35.78 9.30
CA SER B 210 -29.94 34.58 8.82
C SER B 210 -28.59 34.49 9.53
N VAL B 211 -27.80 33.44 9.26
CA VAL B 211 -26.42 33.31 9.82
C VAL B 211 -25.52 34.42 9.29
N GLU B 212 -25.94 35.17 8.27
CA GLU B 212 -25.20 36.36 7.78
C GLU B 212 -25.27 37.49 8.81
N ASN B 213 -26.40 37.67 9.52
CA ASN B 213 -26.56 38.82 10.46
C ASN B 213 -26.75 38.41 11.93
N ALA B 214 -26.88 37.14 12.27
CA ALA B 214 -27.09 36.71 13.68
C ALA B 214 -26.39 35.38 14.00
N ILE B 215 -26.05 35.19 15.27
CA ILE B 215 -25.51 33.90 15.76
C ILE B 215 -26.71 33.05 16.09
N VAL B 216 -27.03 32.10 15.20
CA VAL B 216 -28.28 31.31 15.31
C VAL B 216 -28.07 30.23 16.36
N VAL B 217 -29.05 30.12 17.25
CA VAL B 217 -28.97 29.24 18.44
C VAL B 217 -30.23 28.38 18.50
N ASP B 218 -30.00 27.06 18.50
CA ASP B 218 -31.04 26.02 18.40
C ASP B 218 -31.83 25.79 19.69
N GLU B 219 -31.72 26.66 20.69
CA GLU B 219 -32.42 26.56 22.01
C GLU B 219 -31.78 25.51 22.94
N ASN B 220 -30.61 25.01 22.56
CA ASN B 220 -29.78 24.08 23.34
C ASN B 220 -28.33 24.55 23.21
N ARG B 221 -27.94 24.97 22.00
CA ARG B 221 -26.52 25.35 21.74
C ARG B 221 -26.41 26.32 20.56
N VAL B 222 -25.30 27.05 20.46
CA VAL B 222 -24.97 27.81 19.22
C VAL B 222 -24.74 26.81 18.10
N LEU B 223 -25.41 27.00 16.97
CA LEU B 223 -25.50 25.97 15.91
C LEU B 223 -24.21 25.96 15.13
N ASN B 224 -23.79 27.12 14.66
CA ASN B 224 -22.54 27.23 13.87
C ASN B 224 -21.70 28.26 14.60
N GLU B 225 -20.73 27.77 15.38
CA GLU B 225 -19.86 28.54 16.31
C GLU B 225 -18.76 29.31 15.53
N ASP B 226 -18.57 29.02 14.24
CA ASP B 226 -17.58 29.74 13.38
C ASP B 226 -17.91 31.24 13.37
N GLY B 227 -19.19 31.58 13.57
CA GLY B 227 -19.75 32.94 13.56
C GLY B 227 -19.23 33.84 14.68
N LEU B 228 -18.90 33.27 15.84
CA LEU B 228 -18.47 34.08 17.01
C LEU B 228 -17.27 34.94 16.63
N ARG B 229 -17.26 36.17 17.09
CA ARG B 229 -16.10 37.07 17.00
C ARG B 229 -15.58 37.41 18.39
N TYR B 230 -16.43 37.37 19.42
CA TYR B 230 -16.02 37.79 20.80
C TYR B 230 -16.36 36.74 21.86
N GLU B 231 -15.52 36.69 22.87
CA GLU B 231 -15.88 36.12 24.19
C GLU B 231 -17.00 36.98 24.78
N ASP B 232 -18.04 36.35 25.32
CA ASP B 232 -19.20 37.09 25.90
C ASP B 232 -19.78 38.02 24.82
N GLU B 233 -20.02 37.48 23.64
CA GLU B 233 -20.53 38.27 22.49
C GLU B 233 -21.93 38.82 22.79
N PHE B 234 -22.80 38.06 23.46
CA PHE B 234 -24.24 38.42 23.59
C PHE B 234 -24.39 39.69 24.43
N VAL B 235 -23.68 39.78 25.54
CA VAL B 235 -23.78 40.98 26.43
C VAL B 235 -23.14 42.14 25.71
N LYS B 236 -22.07 41.89 24.95
CA LYS B 236 -21.39 42.96 24.20
C LYS B 236 -22.37 43.56 23.18
N HIS B 237 -23.24 42.77 22.55
CA HIS B 237 -24.22 43.31 21.59
C HIS B 237 -25.25 44.13 22.37
N LYS B 238 -25.57 43.71 23.60
CA LYS B 238 -26.48 44.47 24.49
C LYS B 238 -25.85 45.84 24.79
N ILE B 239 -24.55 45.86 25.07
CA ILE B 239 -23.75 47.11 25.23
C ILE B 239 -23.80 47.94 23.94
N LEU B 240 -23.57 47.31 22.78
CA LEU B 240 -23.56 48.00 21.47
C LEU B 240 -24.92 48.67 21.29
N ASP B 241 -26.01 47.95 21.54
CA ASP B 241 -27.37 48.52 21.44
C ASP B 241 -27.52 49.71 22.39
N ALA B 242 -27.01 49.56 23.60
CA ALA B 242 -27.16 50.59 24.64
C ALA B 242 -26.55 51.88 24.08
N ILE B 243 -25.47 51.78 23.33
CA ILE B 243 -24.69 52.99 22.94
C ILE B 243 -25.49 53.72 21.87
N GLY B 244 -26.14 52.99 20.96
CA GLY B 244 -27.02 53.58 19.94
C GLY B 244 -28.27 54.19 20.53
N ASP B 245 -28.87 53.50 21.49
CA ASP B 245 -30.04 54.01 22.24
C ASP B 245 -29.67 55.31 23.00
N LEU B 246 -28.52 55.34 23.69
CA LEU B 246 -28.13 56.52 24.50
C LEU B 246 -27.81 57.71 23.59
N TYR B 247 -27.53 57.46 22.31
CA TYR B 247 -27.08 58.54 21.41
C TYR B 247 -28.27 59.33 20.91
N LEU B 248 -29.48 58.83 21.13
CA LEU B 248 -30.75 59.58 20.83
C LEU B 248 -30.85 60.81 21.74
N LEU B 249 -29.94 60.98 22.71
CA LEU B 249 -29.73 62.24 23.46
C LEU B 249 -29.34 63.31 22.46
N GLY B 250 -28.59 62.92 21.43
CA GLY B 250 -28.09 63.82 20.39
C GLY B 250 -26.73 64.35 20.74
N ASN B 251 -26.10 63.79 21.78
CA ASN B 251 -24.76 64.22 22.26
C ASN B 251 -24.02 63.07 22.95
N SER B 252 -22.70 63.14 22.98
CA SER B 252 -21.84 62.16 23.70
C SER B 252 -22.07 62.30 25.20
N LEU B 253 -21.86 61.21 25.92
CA LEU B 253 -22.26 61.04 27.34
C LEU B 253 -20.99 61.03 28.22
N ILE B 254 -20.91 61.90 29.23
CA ILE B 254 -19.88 61.79 30.31
C ILE B 254 -20.59 61.26 31.55
N GLY B 255 -20.46 59.96 31.76
CA GLY B 255 -21.07 59.29 32.91
C GLY B 255 -21.02 57.79 32.72
N GLU B 256 -21.81 57.08 33.52
CA GLU B 256 -21.74 55.62 33.55
C GLU B 256 -23.13 55.09 33.27
N PHE B 257 -23.21 54.09 32.41
CA PHE B 257 -24.48 53.38 32.18
C PHE B 257 -24.39 51.97 32.76
N ARG B 258 -25.42 51.55 33.47
CA ARG B 258 -25.54 50.18 33.98
C ARG B 258 -26.89 49.61 33.53
N GLY B 259 -26.85 48.51 32.77
CA GLY B 259 -28.05 47.79 32.27
C GLY B 259 -28.25 46.49 33.01
N PHE B 260 -29.47 46.25 33.46
CA PHE B 260 -29.83 45.03 34.21
C PHE B 260 -31.00 44.40 33.49
N LYS B 261 -30.70 43.51 32.55
CA LYS B 261 -31.74 42.81 31.75
C LYS B 261 -32.51 43.82 30.90
N SER B 262 -31.94 45.01 30.65
CA SER B 262 -32.67 46.12 29.99
C SER B 262 -32.60 45.97 28.48
N GLY B 263 -33.44 46.71 27.78
CA GLY B 263 -33.44 46.75 26.33
C GLY B 263 -33.93 48.10 25.86
N HIS B 264 -34.43 48.14 24.64
CA HIS B 264 -34.73 49.39 23.93
C HIS B 264 -35.72 50.22 24.74
N ALA B 265 -36.77 49.62 25.29
CA ALA B 265 -37.87 50.37 25.94
C ALA B 265 -37.30 51.09 27.15
N LEU B 266 -36.58 50.35 27.99
CA LEU B 266 -36.13 50.89 29.27
C LEU B 266 -35.00 51.90 29.02
N ASN B 267 -34.15 51.65 28.03
CA ASN B 267 -33.06 52.57 27.67
C ASN B 267 -33.65 53.94 27.31
N ASN B 268 -34.71 53.96 26.51
CA ASN B 268 -35.43 55.21 26.13
C ASN B 268 -36.12 55.85 27.34
N GLN B 269 -36.70 55.04 28.24
CA GLN B 269 -37.34 55.51 29.49
C GLN B 269 -36.29 56.20 30.35
N LEU B 270 -35.12 55.59 30.47
CA LEU B 270 -34.01 56.20 31.24
C LEU B 270 -33.63 57.53 30.60
N LEU B 271 -33.59 57.60 29.27
CA LEU B 271 -33.19 58.84 28.57
C LEU B 271 -34.19 59.95 28.86
N ARG B 272 -35.48 59.64 28.73
CA ARG B 272 -36.56 60.64 28.89
C ARG B 272 -36.59 61.09 30.35
N THR B 273 -36.35 60.16 31.26
CA THR B 273 -36.34 60.42 32.71
C THR B 273 -35.18 61.36 33.03
N LEU B 274 -34.00 61.10 32.45
CA LEU B 274 -32.84 61.99 32.65
C LEU B 274 -33.17 63.39 32.13
N ILE B 275 -33.73 63.51 30.93
CA ILE B 275 -34.00 64.83 30.28
C ILE B 275 -34.94 65.65 31.17
N ALA B 276 -35.91 65.01 31.80
CA ALA B 276 -36.92 65.65 32.68
C ALA B 276 -36.27 66.11 34.01
N ASP B 277 -35.13 65.53 34.40
CA ASP B 277 -34.45 65.90 35.67
C ASP B 277 -33.34 66.90 35.34
N LYS B 278 -33.66 68.19 35.30
CA LYS B 278 -32.73 69.25 34.84
C LYS B 278 -31.51 69.33 35.79
N ASP B 279 -31.67 68.98 37.06
CA ASP B 279 -30.59 69.09 38.07
C ASP B 279 -29.61 67.91 37.94
N ALA B 280 -30.01 66.84 37.23
CA ALA B 280 -29.24 65.59 37.08
C ALA B 280 -28.16 65.71 36.01
N TRP B 281 -28.22 66.69 35.10
CA TRP B 281 -27.24 66.72 33.98
C TRP B 281 -26.91 68.14 33.58
N GLU B 282 -25.83 68.30 32.84
CA GLU B 282 -25.38 69.61 32.34
C GLU B 282 -24.62 69.39 31.04
N VAL B 283 -24.40 70.47 30.31
CA VAL B 283 -23.70 70.44 29.01
C VAL B 283 -22.35 71.11 29.18
N VAL B 284 -21.33 70.52 28.61
CA VAL B 284 -19.94 71.00 28.80
C VAL B 284 -19.18 70.82 27.51
N THR B 285 -18.24 71.73 27.32
CA THR B 285 -17.30 71.68 26.19
C THR B 285 -15.91 71.71 26.79
N PHE B 286 -14.93 71.29 26.01
CA PHE B 286 -13.54 71.17 26.51
C PHE B 286 -12.56 71.80 25.53
N GLU B 287 -11.48 72.29 26.14
CA GLU B 287 -10.20 72.60 25.46
C GLU B 287 -9.56 71.27 25.06
N ASP B 288 -8.67 71.27 24.06
CA ASP B 288 -7.83 70.09 23.73
C ASP B 288 -6.36 70.38 24.02
N MET C 1 15.26 22.02 -20.48
CA MET C 1 13.91 21.43 -20.23
C MET C 1 13.89 20.03 -20.84
N ILE C 2 13.17 19.10 -20.22
CA ILE C 2 12.92 17.79 -20.87
C ILE C 2 11.87 18.06 -21.95
N LYS C 3 12.23 17.79 -23.21
CA LYS C 3 11.44 18.24 -24.37
C LYS C 3 10.46 17.14 -24.79
N GLN C 4 9.39 17.55 -25.46
CA GLN C 4 8.43 16.62 -26.08
C GLN C 4 9.08 15.91 -27.26
N ARG C 5 8.59 14.72 -27.60
CA ARG C 5 9.18 13.90 -28.68
C ARG C 5 8.16 13.49 -29.74
N THR C 6 8.62 13.39 -30.97
CA THR C 6 7.77 12.83 -32.04
C THR C 6 8.66 11.96 -32.90
N LEU C 7 8.18 11.54 -34.06
CA LEU C 7 9.02 10.76 -34.98
C LEU C 7 9.76 11.70 -35.92
N LYS C 8 10.97 11.32 -36.28
CA LYS C 8 11.80 12.06 -37.25
C LYS C 8 11.30 11.83 -38.68
N ASN C 9 10.84 10.64 -38.99
CA ASN C 9 10.48 10.28 -40.38
C ASN C 9 9.16 9.51 -40.37
N ILE C 10 8.54 9.43 -41.54
CA ILE C 10 7.36 8.56 -41.77
C ILE C 10 7.86 7.12 -41.88
N ILE C 11 7.10 6.20 -41.33
CA ILE C 11 7.39 4.76 -41.52
C ILE C 11 6.09 4.01 -41.81
N ARG C 12 6.15 3.18 -42.84
CA ARG C 12 4.99 2.43 -43.33
C ARG C 12 5.25 0.96 -43.08
N ALA C 13 4.29 0.28 -42.48
CA ALA C 13 4.40 -1.17 -42.29
C ALA C 13 3.10 -1.84 -42.70
N THR C 14 3.15 -3.15 -42.88
CA THR C 14 1.95 -3.96 -43.18
C THR C 14 1.87 -5.06 -42.15
N GLY C 15 0.69 -5.61 -41.88
CA GLY C 15 0.56 -6.77 -40.98
C GLY C 15 -0.80 -7.44 -41.08
N VAL C 16 -1.13 -8.23 -40.07
CA VAL C 16 -2.40 -9.01 -40.02
C VAL C 16 -3.21 -8.51 -38.82
N GLY C 17 -4.45 -8.10 -39.06
CA GLY C 17 -5.43 -7.78 -38.00
C GLY C 17 -5.68 -9.02 -37.17
N LEU C 18 -5.73 -8.87 -35.84
CA LEU C 18 -6.01 -9.98 -34.90
C LEU C 18 -7.38 -10.60 -35.22
N HIS C 19 -8.43 -9.81 -35.42
CA HIS C 19 -9.80 -10.36 -35.62
C HIS C 19 -10.11 -10.61 -37.09
N SER C 20 -9.88 -9.64 -37.97
CA SER C 20 -10.24 -9.78 -39.41
C SER C 20 -9.42 -10.93 -40.02
N GLY C 21 -8.17 -11.11 -39.58
CA GLY C 21 -7.24 -12.12 -40.13
C GLY C 21 -6.64 -11.71 -41.46
N GLU C 22 -6.89 -10.50 -41.92
CA GLU C 22 -6.43 -10.07 -43.27
C GLU C 22 -5.55 -8.82 -43.12
N LYS C 23 -4.97 -8.42 -44.25
CA LYS C 23 -3.85 -7.45 -44.27
C LYS C 23 -4.32 -6.05 -43.88
N VAL C 24 -3.50 -5.34 -43.11
CA VAL C 24 -3.77 -3.91 -42.76
C VAL C 24 -2.47 -3.11 -42.91
N TYR C 25 -2.57 -1.95 -43.57
CA TYR C 25 -1.45 -0.98 -43.75
C TYR C 25 -1.37 -0.05 -42.53
N LEU C 26 -0.16 0.11 -42.01
CA LEU C 26 0.09 0.93 -40.81
C LEU C 26 1.08 2.04 -41.14
N THR C 27 0.70 3.29 -40.87
CA THR C 27 1.63 4.40 -41.08
C THR C 27 1.83 5.22 -39.81
N LEU C 28 3.07 5.34 -39.39
CA LEU C 28 3.43 6.21 -38.25
C LEU C 28 3.98 7.53 -38.77
N LYS C 29 3.43 8.63 -38.27
CA LYS C 29 3.74 9.97 -38.76
C LYS C 29 4.03 10.92 -37.60
N PRO C 30 4.99 11.85 -37.82
CA PRO C 30 5.28 12.94 -36.88
C PRO C 30 4.03 13.79 -36.64
N ALA C 31 3.96 14.45 -35.50
CA ALA C 31 2.78 15.29 -35.22
C ALA C 31 3.20 16.44 -34.34
N PRO C 32 2.47 17.58 -34.45
CA PRO C 32 2.77 18.79 -33.72
C PRO C 32 2.74 18.57 -32.20
N VAL C 33 3.30 19.55 -31.47
CA VAL C 33 3.35 19.57 -29.99
C VAL C 33 1.92 19.55 -29.47
N ASP C 34 1.68 18.77 -28.42
CA ASP C 34 0.40 18.63 -27.69
C ASP C 34 -0.66 17.98 -28.58
N THR C 35 -0.24 17.27 -29.63
CA THR C 35 -1.17 16.47 -30.47
C THR C 35 -1.56 15.24 -29.66
N GLY C 36 -0.59 14.64 -28.97
CA GLY C 36 -0.78 13.32 -28.34
C GLY C 36 -0.69 12.22 -29.38
N ILE C 37 -1.16 11.04 -29.04
CA ILE C 37 -1.20 9.93 -30.03
C ILE C 37 -2.57 9.92 -30.66
N VAL C 38 -2.62 10.08 -31.97
CA VAL C 38 -3.91 10.18 -32.70
C VAL C 38 -3.96 9.06 -33.75
N PHE C 39 -5.06 8.31 -33.75
CA PHE C 39 -5.37 7.27 -34.77
C PHE C 39 -6.24 7.91 -35.84
N SER C 40 -5.98 7.62 -37.11
CA SER C 40 -6.87 8.02 -38.21
C SER C 40 -7.19 6.81 -39.10
N ARG C 41 -8.44 6.71 -39.56
CA ARG C 41 -8.88 5.61 -40.44
C ARG C 41 -8.84 6.11 -41.89
N THR C 42 -7.89 5.63 -42.67
CA THR C 42 -7.66 6.10 -44.07
C THR C 42 -8.46 5.25 -45.07
N ASP C 43 -9.40 4.45 -44.60
CA ASP C 43 -10.28 3.64 -45.46
C ASP C 43 -11.64 4.31 -45.50
N LEU C 44 -11.79 5.46 -44.84
CA LEU C 44 -13.12 6.11 -44.69
C LEU C 44 -13.09 7.47 -45.37
N ASP C 45 -14.21 7.82 -46.00
CA ASP C 45 -14.33 9.10 -46.73
C ASP C 45 -15.46 9.86 -46.04
N PRO C 46 -15.18 10.96 -45.30
CA PRO C 46 -13.82 11.42 -45.07
C PRO C 46 -13.14 10.57 -44.00
N VAL C 47 -11.82 10.70 -43.95
CA VAL C 47 -10.94 10.05 -42.93
C VAL C 47 -11.43 10.42 -41.53
N VAL C 48 -11.57 9.43 -40.66
CA VAL C 48 -11.98 9.66 -39.25
C VAL C 48 -10.75 9.56 -38.35
N GLU C 49 -10.58 10.55 -37.46
CA GLU C 49 -9.44 10.64 -36.50
C GLU C 49 -9.93 10.37 -35.07
N ILE C 50 -9.31 9.42 -34.37
CA ILE C 50 -9.64 9.12 -32.94
C ILE C 50 -8.39 9.34 -32.09
N PRO C 51 -8.42 10.36 -31.21
CA PRO C 51 -7.34 10.59 -30.25
C PRO C 51 -7.26 9.48 -29.19
N ALA C 52 -6.04 9.09 -28.81
CA ALA C 52 -5.81 7.98 -27.84
C ALA C 52 -5.97 8.50 -26.42
N ARG C 53 -7.20 8.74 -26.00
CA ARG C 53 -7.46 9.30 -24.66
C ARG C 53 -8.37 8.34 -23.92
N ALA C 54 -8.30 8.39 -22.60
CA ALA C 54 -9.06 7.52 -21.69
C ALA C 54 -10.56 7.58 -21.99
N GLU C 55 -11.10 8.76 -22.30
CA GLU C 55 -12.57 8.94 -22.46
C GLU C 55 -13.03 8.43 -23.83
N ASN C 56 -12.12 8.08 -24.76
CA ASN C 56 -12.47 7.48 -26.08
C ASN C 56 -12.45 5.96 -26.02
N VAL C 57 -12.25 5.36 -24.85
CA VAL C 57 -12.20 3.88 -24.78
C VAL C 57 -13.62 3.32 -24.83
N GLY C 58 -13.88 2.45 -25.79
CA GLY C 58 -15.16 1.73 -25.89
C GLY C 58 -15.04 0.43 -25.13
N GLU C 59 -15.99 0.15 -24.24
CA GLU C 59 -16.05 -1.12 -23.47
C GLU C 59 -15.90 -2.29 -24.46
N THR C 60 -14.97 -3.21 -24.19
CA THR C 60 -14.68 -4.33 -25.12
C THR C 60 -14.29 -5.60 -24.37
N THR C 61 -14.67 -6.71 -24.98
CA THR C 61 -14.52 -8.10 -24.51
C THR C 61 -13.03 -8.47 -24.29
N MET C 62 -12.08 -8.22 -25.20
CA MET C 62 -10.73 -8.82 -25.04
C MET C 62 -9.56 -7.84 -25.17
N SER C 63 -9.72 -6.68 -25.82
CA SER C 63 -8.60 -5.74 -26.02
C SER C 63 -9.07 -4.30 -25.85
N THR C 64 -8.13 -3.36 -25.73
CA THR C 64 -8.48 -1.93 -25.55
C THR C 64 -8.84 -1.34 -26.92
N THR C 65 -10.08 -0.93 -27.08
CA THR C 65 -10.59 -0.39 -28.36
C THR C 65 -10.94 1.08 -28.18
N LEU C 66 -10.57 1.93 -29.14
CA LEU C 66 -10.93 3.36 -29.10
C LEU C 66 -12.10 3.61 -30.03
N VAL C 67 -13.03 4.48 -29.62
CA VAL C 67 -14.30 4.67 -30.37
C VAL C 67 -14.67 6.16 -30.52
N LYS C 68 -15.16 6.52 -31.72
CA LYS C 68 -15.75 7.83 -32.08
C LYS C 68 -16.96 7.58 -32.97
N GLY C 69 -18.17 7.85 -32.47
CA GLY C 69 -19.44 7.50 -33.13
C GLY C 69 -19.52 6.02 -33.49
N ASP C 70 -19.46 5.70 -34.79
CA ASP C 70 -19.57 4.32 -35.31
C ASP C 70 -18.19 3.72 -35.51
N VAL C 71 -17.18 4.57 -35.59
CA VAL C 71 -15.83 4.15 -36.02
C VAL C 71 -15.09 3.64 -34.79
N LYS C 72 -14.30 2.59 -34.97
CA LYS C 72 -13.48 2.06 -33.85
C LYS C 72 -12.08 1.74 -34.34
N VAL C 73 -11.16 1.67 -33.39
CA VAL C 73 -9.83 1.08 -33.64
C VAL C 73 -9.60 0.09 -32.50
N ASP C 74 -9.20 -1.10 -32.90
CA ASP C 74 -9.10 -2.29 -32.04
C ASP C 74 -7.64 -2.54 -31.70
N THR C 75 -7.38 -3.16 -30.56
CA THR C 75 -6.04 -3.68 -30.19
C THR C 75 -5.02 -2.54 -30.22
N VAL C 76 -5.29 -1.44 -29.52
CA VAL C 76 -4.38 -0.25 -29.46
C VAL C 76 -3.25 -0.45 -28.42
N GLU C 77 -3.31 -1.44 -27.52
CA GLU C 77 -2.44 -1.46 -26.29
C GLU C 77 -0.96 -1.69 -26.62
N HIS C 78 -0.61 -2.57 -27.56
CA HIS C 78 0.81 -2.98 -27.73
C HIS C 78 1.56 -1.83 -28.40
N LEU C 79 0.92 -1.14 -29.34
CA LEU C 79 1.55 0.02 -30.02
C LEU C 79 1.68 1.20 -29.03
N LEU C 80 0.66 1.50 -28.25
CA LEU C 80 0.73 2.63 -27.29
C LEU C 80 1.81 2.37 -26.23
N SER C 81 2.06 1.10 -25.92
CA SER C 81 3.05 0.69 -24.91
C SER C 81 4.46 1.00 -25.43
N ALA C 82 4.71 0.71 -26.71
CA ALA C 82 6.00 1.03 -27.38
C ALA C 82 6.21 2.54 -27.35
N MET C 83 5.16 3.29 -27.70
CA MET C 83 5.18 4.79 -27.71
C MET C 83 5.56 5.25 -26.31
N ALA C 84 4.86 4.74 -25.29
CA ALA C 84 5.08 5.10 -23.87
C ALA C 84 6.53 4.80 -23.48
N GLY C 85 7.04 3.62 -23.85
CA GLY C 85 8.35 3.09 -23.45
C GLY C 85 9.50 3.88 -24.06
N LEU C 86 9.36 4.31 -25.31
CA LEU C 86 10.37 5.15 -26.00
C LEU C 86 10.08 6.64 -25.79
N GLY C 87 8.96 7.00 -25.15
CA GLY C 87 8.59 8.39 -24.81
C GLY C 87 8.14 9.19 -26.03
N ILE C 88 7.33 8.60 -26.91
CA ILE C 88 6.78 9.38 -28.04
C ILE C 88 5.54 10.08 -27.52
N ASP C 89 5.62 11.40 -27.43
CA ASP C 89 4.51 12.27 -26.98
C ASP C 89 3.48 12.46 -28.09
N ASN C 90 3.94 12.64 -29.33
CA ASN C 90 3.09 13.13 -30.44
C ASN C 90 3.26 12.23 -31.68
N ALA C 91 2.19 11.70 -32.24
CA ALA C 91 2.29 10.90 -33.48
C ALA C 91 0.92 10.64 -34.06
N TYR C 92 0.88 10.64 -35.39
CA TYR C 92 -0.29 10.20 -36.17
C TYR C 92 -0.08 8.72 -36.47
N VAL C 93 -1.10 7.94 -36.17
CA VAL C 93 -1.12 6.50 -36.51
C VAL C 93 -2.23 6.32 -37.52
N GLU C 94 -1.85 5.93 -38.73
CA GLU C 94 -2.83 5.72 -39.82
C GLU C 94 -3.06 4.22 -40.02
N LEU C 95 -4.32 3.86 -40.18
CA LEU C 95 -4.74 2.46 -40.31
C LEU C 95 -5.71 2.33 -41.46
N SER C 96 -5.53 1.30 -42.28
CA SER C 96 -6.38 0.95 -43.45
C SER C 96 -7.49 -0.01 -43.02
N ALA C 97 -7.51 -0.45 -41.76
CA ALA C 97 -8.60 -1.31 -41.21
C ALA C 97 -9.05 -0.74 -39.87
N SER C 98 -10.03 -1.38 -39.25
CA SER C 98 -10.59 -1.02 -37.92
C SER C 98 -9.71 -1.55 -36.79
N GLU C 99 -8.49 -2.00 -37.09
CA GLU C 99 -7.58 -2.53 -36.03
C GLU C 99 -6.10 -2.35 -36.38
N VAL C 100 -5.29 -2.27 -35.33
CA VAL C 100 -3.81 -2.22 -35.40
C VAL C 100 -3.37 -3.63 -35.76
N PRO C 101 -2.41 -3.82 -36.71
CA PRO C 101 -1.89 -5.16 -36.97
C PRO C 101 -1.23 -5.75 -35.71
N ILE C 102 -1.53 -6.99 -35.40
CA ILE C 102 -1.07 -7.71 -34.16
C ILE C 102 0.46 -7.93 -34.21
N MET C 103 1.04 -8.05 -35.41
CA MET C 103 2.49 -8.31 -35.64
C MET C 103 2.88 -9.62 -34.93
N ASP C 104 3.92 -9.63 -34.08
CA ASP C 104 4.32 -10.81 -33.25
C ASP C 104 3.59 -10.82 -31.90
N GLY C 105 2.67 -9.87 -31.65
CA GLY C 105 1.80 -9.86 -30.46
C GLY C 105 2.44 -9.19 -29.26
N SER C 106 3.58 -8.54 -29.42
CA SER C 106 4.26 -7.78 -28.35
C SER C 106 4.38 -6.33 -28.82
N ALA C 107 5.09 -5.49 -28.07
CA ALA C 107 5.38 -4.10 -28.45
C ALA C 107 6.64 -4.03 -29.33
N GLY C 108 7.41 -5.12 -29.42
CA GLY C 108 8.80 -5.14 -29.96
C GLY C 108 8.90 -4.66 -31.41
N PRO C 109 8.03 -5.16 -32.31
CA PRO C 109 8.06 -4.73 -33.69
C PRO C 109 7.78 -3.23 -33.80
N PHE C 110 6.88 -2.68 -32.98
CA PHE C 110 6.54 -1.23 -32.93
C PHE C 110 7.70 -0.43 -32.35
N VAL C 111 8.36 -0.97 -31.34
CA VAL C 111 9.59 -0.35 -30.77
C VAL C 111 10.68 -0.25 -31.84
N PHE C 112 10.83 -1.30 -32.63
CA PHE C 112 11.83 -1.39 -33.72
C PHE C 112 11.50 -0.38 -34.82
N LEU C 113 10.20 -0.28 -35.15
CA LEU C 113 9.69 0.72 -36.13
C LEU C 113 10.03 2.13 -35.63
N ILE C 114 9.70 2.44 -34.38
CA ILE C 114 9.90 3.81 -33.83
C ILE C 114 11.40 4.11 -33.85
N GLN C 115 12.23 3.15 -33.46
CA GLN C 115 13.70 3.34 -33.40
C GLN C 115 14.28 3.62 -34.79
N SER C 116 13.72 2.96 -35.79
CA SER C 116 14.21 3.06 -37.20
C SER C 116 13.84 4.44 -37.77
N ALA C 117 12.59 4.86 -37.55
CA ALA C 117 12.07 6.19 -37.92
C ALA C 117 12.95 7.26 -37.26
N GLY C 118 13.36 7.00 -36.03
CA GLY C 118 14.12 7.99 -35.24
C GLY C 118 13.23 8.86 -34.36
N LEU C 119 13.83 9.40 -33.31
CA LEU C 119 13.16 10.33 -32.37
C LEU C 119 13.54 11.78 -32.71
N GLN C 120 12.55 12.65 -32.65
CA GLN C 120 12.74 14.09 -32.92
C GLN C 120 12.27 14.87 -31.69
N GLU C 121 13.20 15.60 -31.07
CA GLU C 121 12.88 16.54 -29.97
C GLU C 121 12.08 17.71 -30.56
N GLN C 122 11.01 18.10 -29.89
CA GLN C 122 10.19 19.28 -30.27
C GLN C 122 10.44 20.42 -29.27
N GLU C 123 10.27 21.65 -29.70
CA GLU C 123 10.57 22.85 -28.88
C GLU C 123 9.35 23.11 -28.02
N ALA C 124 9.16 22.28 -27.00
CA ALA C 124 8.05 22.40 -26.01
C ALA C 124 8.38 21.49 -24.85
N ALA C 125 7.91 21.84 -23.65
CA ALA C 125 8.16 21.08 -22.40
C ALA C 125 7.36 19.77 -22.46
N LYS C 126 8.00 18.67 -22.11
CA LYS C 126 7.32 17.38 -21.86
C LYS C 126 6.51 17.48 -20.57
N LYS C 127 5.23 17.17 -20.67
CA LYS C 127 4.30 17.26 -19.54
C LYS C 127 4.12 15.85 -18.97
N PHE C 128 4.26 15.78 -17.66
CA PHE C 128 4.14 14.53 -16.88
C PHE C 128 2.90 14.61 -16.01
N ILE C 129 2.26 13.48 -15.79
CA ILE C 129 1.16 13.40 -14.80
C ILE C 129 1.79 12.81 -13.57
N ARG C 130 1.81 13.56 -12.47
CA ARG C 130 2.43 13.07 -11.23
C ARG C 130 1.34 12.63 -10.25
N ILE C 131 1.48 11.45 -9.67
CA ILE C 131 0.47 10.93 -8.70
C ILE C 131 0.75 11.58 -7.34
N LYS C 132 -0.18 12.41 -6.88
CA LYS C 132 -0.08 13.13 -5.59
C LYS C 132 -0.55 12.23 -4.47
N ARG C 133 -1.60 11.43 -4.69
CA ARG C 133 -2.07 10.45 -3.67
C ARG C 133 -2.67 9.19 -4.29
N GLU C 134 -2.78 8.16 -3.46
CA GLU C 134 -3.26 6.81 -3.82
C GLU C 134 -4.68 6.85 -4.36
N VAL C 135 -4.92 6.08 -5.44
CA VAL C 135 -6.26 5.91 -6.08
C VAL C 135 -6.37 4.44 -6.44
N SER C 136 -7.56 3.89 -6.26
CA SER C 136 -7.73 2.43 -6.45
C SER C 136 -9.16 2.07 -6.87
N VAL C 137 -9.25 0.90 -7.48
CA VAL C 137 -10.49 0.39 -8.08
C VAL C 137 -10.45 -1.11 -7.86
N GLU C 138 -11.61 -1.68 -7.57
CA GLU C 138 -11.71 -3.11 -7.25
C GLU C 138 -12.93 -3.66 -7.98
N GLU C 139 -12.80 -4.87 -8.49
CA GLU C 139 -13.96 -5.60 -9.04
C GLU C 139 -13.77 -7.10 -8.74
N GLY C 140 -14.62 -7.61 -7.85
CA GLY C 140 -14.47 -8.94 -7.23
C GLY C 140 -13.07 -9.08 -6.66
N ASP C 141 -12.27 -9.96 -7.24
CA ASP C 141 -10.89 -10.26 -6.76
C ASP C 141 -9.87 -9.42 -7.54
N LYS C 142 -10.32 -8.60 -8.49
CA LYS C 142 -9.39 -7.82 -9.33
C LYS C 142 -9.20 -6.44 -8.71
N ARG C 143 -7.98 -5.94 -8.75
CA ARG C 143 -7.67 -4.64 -8.12
C ARG C 143 -6.53 -3.93 -8.87
N ALA C 144 -6.62 -2.62 -9.00
CA ALA C 144 -5.66 -1.77 -9.75
C ALA C 144 -5.43 -0.46 -8.99
N VAL C 145 -4.16 -0.12 -8.75
CA VAL C 145 -3.83 0.99 -7.82
C VAL C 145 -2.79 1.95 -8.42
N PHE C 146 -3.01 3.25 -8.21
CA PHE C 146 -1.97 4.28 -8.44
C PHE C 146 -1.40 4.72 -7.09
N VAL C 147 -0.09 4.67 -6.97
CA VAL C 147 0.62 5.04 -5.72
C VAL C 147 1.71 6.04 -6.09
N PRO C 148 1.82 7.14 -5.32
CA PRO C 148 2.90 8.11 -5.52
C PRO C 148 4.28 7.46 -5.49
N PHE C 149 5.14 7.79 -6.44
CA PHE C 149 6.48 7.19 -6.53
C PHE C 149 7.37 8.13 -7.33
N ASP C 150 8.53 8.44 -6.80
CA ASP C 150 9.43 9.42 -7.43
C ASP C 150 10.19 8.66 -8.51
N GLY C 151 9.57 8.50 -9.66
CA GLY C 151 10.04 7.66 -10.78
C GLY C 151 8.86 6.94 -11.44
N PHE C 152 9.13 5.89 -12.20
CA PHE C 152 8.04 5.13 -12.89
C PHE C 152 8.22 3.66 -12.61
N LYS C 153 7.22 3.07 -11.97
CA LYS C 153 7.28 1.66 -11.53
C LYS C 153 5.94 0.98 -11.80
N VAL C 154 6.01 -0.29 -12.18
CA VAL C 154 4.82 -1.10 -12.55
C VAL C 154 4.96 -2.48 -11.94
N SER C 155 3.92 -2.90 -11.25
CA SER C 155 3.91 -4.21 -10.57
C SER C 155 2.65 -4.92 -10.97
N PHE C 156 2.79 -6.20 -11.24
CA PHE C 156 1.61 -7.02 -11.57
C PHE C 156 1.70 -8.32 -10.81
N GLU C 157 0.56 -8.91 -10.58
CA GLU C 157 0.48 -10.14 -9.77
C GLU C 157 -0.80 -10.85 -10.20
N ILE C 158 -0.72 -12.12 -10.50
CA ILE C 158 -1.94 -12.86 -10.93
C ILE C 158 -1.77 -14.34 -10.58
N ASP C 159 -2.65 -14.82 -9.69
CA ASP C 159 -2.77 -16.25 -9.35
C ASP C 159 -3.73 -16.85 -10.38
N PHE C 160 -3.25 -17.10 -11.60
CA PHE C 160 -4.08 -17.72 -12.67
C PHE C 160 -4.16 -19.22 -12.40
N ASP C 161 -5.39 -19.77 -12.41
CA ASP C 161 -5.65 -21.20 -12.10
C ASP C 161 -5.45 -22.08 -13.36
N HIS C 162 -4.21 -22.29 -13.75
CA HIS C 162 -3.87 -23.20 -14.85
C HIS C 162 -2.64 -23.99 -14.46
N PRO C 163 -2.60 -25.31 -14.76
CA PRO C 163 -1.47 -26.19 -14.42
C PRO C 163 -0.07 -25.71 -14.85
N VAL C 164 -0.03 -24.97 -15.97
CA VAL C 164 1.21 -24.40 -16.57
C VAL C 164 2.05 -23.69 -15.48
N PHE C 165 1.38 -22.99 -14.54
CA PHE C 165 1.97 -22.10 -13.51
C PHE C 165 2.28 -22.82 -12.20
N ARG C 166 2.05 -24.13 -12.11
CA ARG C 166 2.38 -24.96 -10.91
C ARG C 166 1.74 -24.39 -9.65
N GLY C 167 0.47 -23.98 -9.71
CA GLY C 167 -0.28 -23.47 -8.54
C GLY C 167 0.41 -22.29 -7.86
N ARG C 168 1.23 -21.55 -8.57
CA ARG C 168 2.02 -20.42 -8.01
C ARG C 168 1.50 -19.13 -8.59
N THR C 169 1.45 -18.10 -7.76
CA THR C 169 1.14 -16.72 -8.18
C THR C 169 2.24 -16.24 -9.12
N GLN C 170 1.85 -15.69 -10.25
CA GLN C 170 2.78 -15.05 -11.21
C GLN C 170 2.88 -13.58 -10.86
N GLN C 171 4.09 -13.10 -10.60
CA GLN C 171 4.27 -11.66 -10.28
C GLN C 171 5.62 -11.15 -10.83
N ALA C 172 5.58 -9.90 -11.26
CA ALA C 172 6.78 -9.13 -11.65
C ALA C 172 6.64 -7.70 -11.14
N SER C 173 7.76 -7.12 -10.79
CA SER C 173 7.86 -5.70 -10.44
C SER C 173 8.97 -5.10 -11.30
N VAL C 174 8.71 -3.96 -11.91
CA VAL C 174 9.72 -3.31 -12.80
C VAL C 174 9.82 -1.82 -12.47
N ASP C 175 10.99 -1.42 -11.98
CA ASP C 175 11.35 0.00 -11.85
C ASP C 175 12.08 0.37 -13.14
N PHE C 176 11.59 1.36 -13.87
CA PHE C 176 12.17 1.71 -15.20
C PHE C 176 13.38 2.64 -15.05
N SER C 177 13.71 3.13 -13.85
CA SER C 177 15.00 3.84 -13.64
C SER C 177 16.14 2.83 -13.78
N SER C 178 15.99 1.63 -13.23
CA SER C 178 17.04 0.59 -13.20
C SER C 178 16.78 -0.55 -14.21
N THR C 179 15.57 -0.68 -14.74
CA THR C 179 15.19 -1.78 -15.68
C THR C 179 14.80 -1.22 -17.04
N SER C 180 15.42 -1.76 -18.11
CA SER C 180 15.19 -1.35 -19.52
C SER C 180 13.80 -1.85 -19.95
N PHE C 181 12.96 -0.97 -20.49
CA PHE C 181 11.65 -1.34 -21.04
C PHE C 181 11.84 -2.15 -22.32
N VAL C 182 12.67 -1.64 -23.22
CA VAL C 182 12.92 -2.27 -24.55
C VAL C 182 13.46 -3.67 -24.31
N LYS C 183 14.57 -3.79 -23.56
CA LYS C 183 15.32 -5.06 -23.38
C LYS C 183 14.49 -6.07 -22.59
N GLU C 184 13.71 -5.68 -21.59
CA GLU C 184 13.15 -6.65 -20.61
C GLU C 184 11.62 -6.77 -20.67
N VAL C 185 10.89 -5.83 -21.28
CA VAL C 185 9.40 -5.87 -21.23
C VAL C 185 8.78 -5.88 -22.63
N SER C 186 9.38 -5.21 -23.62
CA SER C 186 8.72 -4.88 -24.91
C SER C 186 8.34 -6.13 -25.74
N ARG C 187 9.11 -7.21 -25.64
CA ARG C 187 8.99 -8.37 -26.56
C ARG C 187 8.15 -9.48 -25.94
N ALA C 188 7.53 -9.24 -24.78
CA ALA C 188 6.74 -10.27 -24.06
C ALA C 188 5.40 -10.51 -24.77
N ARG C 189 5.02 -11.79 -24.89
CA ARG C 189 3.73 -12.20 -25.49
C ARG C 189 2.82 -12.81 -24.45
N THR C 190 1.52 -12.74 -24.73
CA THR C 190 0.48 -13.24 -23.82
C THR C 190 0.37 -14.73 -24.00
N PHE C 191 -0.35 -15.35 -23.09
CA PHE C 191 -0.66 -16.79 -23.15
C PHE C 191 -2.05 -16.91 -23.74
N GLY C 192 -2.18 -17.53 -24.91
CA GLY C 192 -3.47 -17.89 -25.51
C GLY C 192 -3.96 -19.25 -25.01
N PHE C 193 -5.25 -19.44 -24.79
CA PHE C 193 -5.82 -20.75 -24.40
C PHE C 193 -6.72 -21.26 -25.52
N MET C 194 -6.42 -22.45 -26.04
CA MET C 194 -7.20 -23.18 -27.09
C MET C 194 -8.70 -23.13 -26.77
N ARG C 195 -9.08 -23.31 -25.51
CA ARG C 195 -10.49 -23.19 -25.06
C ARG C 195 -11.03 -21.83 -25.50
N ASP C 196 -10.27 -20.77 -25.22
CA ASP C 196 -10.60 -19.37 -25.61
C ASP C 196 -10.57 -19.21 -27.13
N ILE C 197 -9.46 -19.57 -27.77
CA ILE C 197 -9.20 -19.21 -29.19
C ILE C 197 -10.12 -20.00 -30.14
N GLU C 198 -10.34 -21.29 -29.88
CA GLU C 198 -11.14 -22.10 -30.84
C GLU C 198 -12.60 -21.60 -30.82
N TYR C 199 -13.08 -21.15 -29.66
CA TYR C 199 -14.44 -20.60 -29.52
C TYR C 199 -14.57 -19.40 -30.45
N LEU C 200 -13.60 -18.49 -30.36
CA LEU C 200 -13.56 -17.23 -31.15
C LEU C 200 -13.43 -17.60 -32.63
N ARG C 201 -12.48 -18.45 -32.99
CA ARG C 201 -12.19 -18.79 -34.41
C ARG C 201 -13.43 -19.40 -35.07
N SER C 202 -14.26 -20.14 -34.32
CA SER C 202 -15.59 -20.66 -34.78
C SER C 202 -16.46 -19.55 -35.37
N GLN C 203 -16.41 -18.34 -34.80
CA GLN C 203 -17.34 -17.24 -35.19
C GLN C 203 -16.61 -16.21 -36.05
N ASN C 204 -15.57 -16.60 -36.79
CA ASN C 204 -14.73 -15.68 -37.62
C ASN C 204 -14.17 -14.52 -36.78
N LEU C 205 -13.76 -14.79 -35.53
CA LEU C 205 -13.03 -13.84 -34.64
C LEU C 205 -11.65 -14.40 -34.35
N ALA C 206 -10.74 -13.51 -33.94
CA ALA C 206 -9.34 -13.87 -33.58
C ALA C 206 -8.77 -14.70 -34.73
N LEU C 207 -9.10 -14.28 -35.95
CA LEU C 207 -8.66 -14.95 -37.20
C LEU C 207 -7.17 -14.72 -37.40
N GLY C 208 -6.63 -13.70 -36.74
CA GLY C 208 -5.23 -13.28 -36.89
C GLY C 208 -4.32 -14.01 -35.95
N GLY C 209 -4.87 -14.51 -34.83
CA GLY C 209 -4.14 -15.17 -33.73
C GLY C 209 -3.51 -16.49 -34.13
N SER C 210 -2.28 -16.74 -33.71
CA SER C 210 -1.53 -17.97 -34.06
C SER C 210 -0.31 -18.08 -33.17
N VAL C 211 0.43 -19.15 -33.33
CA VAL C 211 1.77 -19.34 -32.69
C VAL C 211 2.71 -18.19 -33.04
N GLU C 212 2.48 -17.44 -34.12
CA GLU C 212 3.41 -16.35 -34.51
C GLU C 212 3.24 -15.17 -33.54
N ASN C 213 2.01 -14.93 -33.01
CA ASN C 213 1.69 -13.70 -32.22
C ASN C 213 1.31 -13.99 -30.76
N ALA C 214 1.34 -15.25 -30.32
CA ALA C 214 0.96 -15.65 -28.94
C ALA C 214 1.54 -17.01 -28.56
N ILE C 215 1.70 -17.21 -27.27
CA ILE C 215 2.15 -18.49 -26.70
C ILE C 215 0.90 -19.33 -26.46
N VAL C 216 0.69 -20.34 -27.29
CA VAL C 216 -0.57 -21.13 -27.26
C VAL C 216 -0.46 -22.12 -26.09
N VAL C 217 -1.53 -22.18 -25.32
CA VAL C 217 -1.63 -23.13 -24.18
C VAL C 217 -2.97 -23.90 -24.28
N ASP C 218 -2.91 -25.23 -24.12
CA ASP C 218 -4.11 -26.10 -23.88
C ASP C 218 -4.40 -26.14 -22.36
N GLU C 219 -5.30 -27.02 -21.90
CA GLU C 219 -5.59 -27.23 -20.45
C GLU C 219 -4.30 -27.61 -19.70
N ASN C 220 -3.43 -28.42 -20.29
CA ASN C 220 -2.21 -28.88 -19.59
C ASN C 220 -1.06 -27.86 -19.69
N ARG C 221 -0.63 -27.43 -20.89
CA ARG C 221 0.71 -26.81 -21.00
C ARG C 221 0.91 -25.89 -22.21
N VAL C 222 2.05 -25.19 -22.19
CA VAL C 222 2.57 -24.36 -23.32
C VAL C 222 2.90 -25.33 -24.44
N LEU C 223 2.41 -25.08 -25.65
CA LEU C 223 2.43 -26.14 -26.70
C LEU C 223 3.76 -26.20 -27.44
N ASN C 224 4.44 -25.11 -27.74
CA ASN C 224 5.90 -25.23 -27.99
C ASN C 224 6.64 -24.08 -27.30
N GLU C 225 7.63 -24.48 -26.51
CA GLU C 225 8.39 -23.61 -25.60
C GLU C 225 9.48 -22.85 -26.37
N ASP C 226 9.60 -23.11 -27.67
CA ASP C 226 10.49 -22.35 -28.58
C ASP C 226 10.05 -20.88 -28.57
N GLY C 227 8.75 -20.63 -28.43
CA GLY C 227 8.16 -19.28 -28.42
C GLY C 227 8.50 -18.49 -27.16
N LEU C 228 8.91 -19.17 -26.09
CA LEU C 228 9.24 -18.47 -24.83
C LEU C 228 10.45 -17.59 -25.06
N ARG C 229 10.34 -16.32 -24.65
CA ARG C 229 11.41 -15.32 -24.74
C ARG C 229 11.89 -14.89 -23.35
N TYR C 230 11.02 -15.00 -22.33
CA TYR C 230 11.34 -14.57 -20.96
C TYR C 230 10.88 -15.58 -19.90
N GLU C 231 11.56 -15.57 -18.75
CA GLU C 231 10.95 -16.10 -17.52
C GLU C 231 9.88 -15.10 -17.06
N ASP C 232 8.75 -15.60 -16.57
CA ASP C 232 7.62 -14.77 -16.07
C ASP C 232 7.07 -13.96 -17.24
N GLU C 233 7.08 -14.54 -18.44
CA GLU C 233 6.69 -13.83 -19.69
C GLU C 233 5.25 -13.36 -19.60
N PHE C 234 4.36 -14.15 -19.00
CA PHE C 234 2.92 -13.84 -18.93
C PHE C 234 2.69 -12.59 -18.07
N VAL C 235 3.36 -12.45 -16.93
CA VAL C 235 3.20 -11.22 -16.08
C VAL C 235 3.87 -10.01 -16.75
N LYS C 236 4.95 -10.23 -17.51
CA LYS C 236 5.61 -9.10 -18.22
C LYS C 236 4.66 -8.61 -19.31
N HIS C 237 3.88 -9.51 -19.93
CA HIS C 237 2.91 -9.05 -20.96
C HIS C 237 1.84 -8.22 -20.27
N LYS C 238 1.44 -8.62 -19.07
CA LYS C 238 0.42 -7.83 -18.32
C LYS C 238 0.94 -6.44 -18.02
N ILE C 239 2.23 -6.31 -17.67
CA ILE C 239 2.90 -5.00 -17.42
C ILE C 239 2.92 -4.21 -18.73
N LEU C 240 3.33 -4.85 -19.83
CA LEU C 240 3.38 -4.21 -21.17
C LEU C 240 1.99 -3.69 -21.50
N ASP C 241 0.98 -4.51 -21.27
CA ASP C 241 -0.43 -4.16 -21.52
C ASP C 241 -0.79 -2.97 -20.63
N ALA C 242 -0.40 -3.02 -19.37
CA ALA C 242 -0.71 -1.93 -18.43
C ALA C 242 -0.04 -0.64 -18.91
N ILE C 243 1.20 -0.68 -19.41
CA ILE C 243 1.92 0.57 -19.78
C ILE C 243 1.16 1.24 -20.93
N GLY C 244 0.63 0.47 -21.88
CA GLY C 244 -0.15 0.99 -23.02
C GLY C 244 -1.47 1.59 -22.55
N ASP C 245 -2.12 0.91 -21.63
CA ASP C 245 -3.41 1.40 -21.07
C ASP C 245 -3.18 2.75 -20.38
N LEU C 246 -2.12 2.88 -19.57
CA LEU C 246 -1.89 4.10 -18.74
C LEU C 246 -1.52 5.27 -19.66
N TYR C 247 -1.06 4.99 -20.88
CA TYR C 247 -0.62 6.06 -21.79
C TYR C 247 -1.82 6.77 -22.40
N LEU C 248 -3.02 6.24 -22.22
CA LEU C 248 -4.27 6.89 -22.69
C LEU C 248 -4.62 8.10 -21.79
N LEU C 249 -3.89 8.30 -20.71
CA LEU C 249 -3.94 9.60 -19.98
C LEU C 249 -3.40 10.68 -20.91
N GLY C 250 -2.58 10.31 -21.89
CA GLY C 250 -2.05 11.21 -22.94
C GLY C 250 -0.76 11.88 -22.50
N ASN C 251 -0.13 11.40 -21.43
CA ASN C 251 1.14 11.94 -20.88
C ASN C 251 1.86 10.86 -20.09
N SER C 252 3.19 10.95 -19.99
CA SER C 252 3.97 10.01 -19.14
C SER C 252 3.59 10.21 -17.67
N LEU C 253 3.63 9.09 -16.96
CA LEU C 253 3.16 8.96 -15.56
C LEU C 253 4.38 9.01 -14.63
N ILE C 254 4.38 9.92 -13.67
CA ILE C 254 5.34 9.87 -12.55
C ILE C 254 4.63 9.29 -11.34
N GLY C 255 4.93 8.03 -11.02
CA GLY C 255 4.30 7.30 -9.90
C GLY C 255 4.39 5.80 -10.08
N GLU C 256 3.57 5.08 -9.34
CA GLU C 256 3.63 3.61 -9.27
C GLU C 256 2.26 3.05 -9.64
N PHE C 257 2.28 1.98 -10.43
CA PHE C 257 1.09 1.18 -10.71
C PHE C 257 1.23 -0.20 -10.10
N ARG C 258 0.15 -0.71 -9.51
CA ARG C 258 0.11 -2.10 -9.01
C ARG C 258 -1.16 -2.75 -9.53
N GLY C 259 -0.98 -3.84 -10.27
CA GLY C 259 -2.08 -4.64 -10.84
C GLY C 259 -2.21 -5.94 -10.08
N PHE C 260 -3.40 -6.22 -9.58
CA PHE C 260 -3.73 -7.55 -8.98
C PHE C 260 -4.81 -8.18 -9.84
N LYS C 261 -4.41 -9.07 -10.76
CA LYS C 261 -5.36 -9.85 -11.59
C LYS C 261 -6.15 -8.93 -12.53
N SER C 262 -5.66 -7.73 -12.84
CA SER C 262 -6.44 -6.73 -13.61
C SER C 262 -6.12 -6.82 -15.10
N GLY C 263 -6.92 -6.13 -15.88
CA GLY C 263 -6.70 -6.01 -17.33
C GLY C 263 -7.34 -4.75 -17.81
N HIS C 264 -7.83 -4.79 -19.03
CA HIS C 264 -8.19 -3.58 -19.82
C HIS C 264 -9.29 -2.80 -19.13
N ALA C 265 -10.31 -3.48 -18.58
CA ALA C 265 -11.50 -2.84 -18.00
C ALA C 265 -11.09 -2.02 -16.77
N LEU C 266 -10.43 -2.65 -15.80
CA LEU C 266 -10.09 -2.02 -14.51
C LEU C 266 -8.98 -1.01 -14.78
N ASN C 267 -8.09 -1.33 -15.72
CA ASN C 267 -7.04 -0.39 -16.13
C ASN C 267 -7.72 0.93 -16.53
N ASN C 268 -8.77 0.85 -17.34
CA ASN C 268 -9.43 2.08 -17.87
C ASN C 268 -10.31 2.70 -16.78
N GLN C 269 -10.89 1.88 -15.90
CA GLN C 269 -11.71 2.37 -14.77
C GLN C 269 -10.78 3.18 -13.85
N LEU C 270 -9.58 2.67 -13.62
CA LEU C 270 -8.60 3.35 -12.75
C LEU C 270 -8.28 4.71 -13.34
N LEU C 271 -8.04 4.79 -14.66
CA LEU C 271 -7.70 6.08 -15.32
C LEU C 271 -8.83 7.07 -15.06
N ARG C 272 -10.08 6.69 -15.32
CA ARG C 272 -11.27 7.57 -15.17
C ARG C 272 -11.42 8.00 -13.70
N THR C 273 -11.29 7.06 -12.77
CA THR C 273 -11.29 7.34 -11.30
C THR C 273 -10.18 8.36 -10.96
N LEU C 274 -8.99 8.21 -11.54
CA LEU C 274 -7.85 9.14 -11.30
C LEU C 274 -8.25 10.51 -11.79
N ILE C 275 -8.81 10.53 -13.00
CA ILE C 275 -9.18 11.78 -13.72
C ILE C 275 -10.22 12.50 -12.88
N ALA C 276 -11.18 11.76 -12.33
CA ALA C 276 -12.24 12.26 -11.42
C ALA C 276 -11.61 12.91 -10.16
N ASP C 277 -10.58 12.29 -9.58
CA ASP C 277 -9.94 12.72 -8.30
C ASP C 277 -8.78 13.69 -8.61
N LYS C 278 -9.13 14.94 -8.88
CA LYS C 278 -8.17 16.01 -9.28
C LYS C 278 -7.15 16.37 -8.19
N ASP C 279 -7.39 16.04 -6.92
CA ASP C 279 -6.39 16.31 -5.85
C ASP C 279 -5.35 15.20 -5.86
N ALA C 280 -5.57 14.17 -6.68
CA ALA C 280 -4.72 12.97 -6.67
C ALA C 280 -3.64 13.06 -7.76
N TRP C 281 -3.68 14.06 -8.65
CA TRP C 281 -2.61 14.23 -9.66
C TRP C 281 -2.34 15.70 -9.97
N GLU C 282 -1.20 15.97 -10.61
CA GLU C 282 -0.84 17.31 -11.11
C GLU C 282 0.03 17.14 -12.35
N VAL C 283 0.16 18.19 -13.15
CA VAL C 283 0.98 18.14 -14.39
C VAL C 283 2.29 18.85 -14.13
N VAL C 284 3.42 18.32 -14.62
CA VAL C 284 4.74 18.92 -14.25
C VAL C 284 5.72 18.89 -15.41
N THR C 285 6.75 19.70 -15.28
CA THR C 285 7.77 19.92 -16.33
C THR C 285 9.09 20.00 -15.60
N PHE C 286 10.17 19.60 -16.25
CA PHE C 286 11.49 19.53 -15.59
C PHE C 286 12.54 20.27 -16.38
N GLU C 287 13.74 20.31 -15.80
CA GLU C 287 15.00 20.74 -16.46
C GLU C 287 15.90 19.51 -16.66
N ASP C 288 16.49 19.37 -17.85
CA ASP C 288 17.26 18.15 -18.25
C ASP C 288 18.64 18.18 -17.57
N MET D 1 55.94 -51.10 -21.07
CA MET D 1 54.68 -51.79 -21.44
C MET D 1 53.51 -51.04 -20.81
N ILE D 2 52.35 -51.10 -21.45
CA ILE D 2 51.08 -50.69 -20.79
C ILE D 2 50.76 -51.78 -19.77
N LYS D 3 50.58 -51.39 -18.51
CA LYS D 3 50.48 -52.36 -17.40
C LYS D 3 49.04 -52.53 -16.92
N GLN D 4 48.81 -53.65 -16.24
CA GLN D 4 47.51 -53.96 -15.62
C GLN D 4 47.28 -53.01 -14.45
N ARG D 5 46.02 -52.81 -14.09
CA ARG D 5 45.67 -51.92 -12.97
C ARG D 5 44.72 -52.59 -11.99
N THR D 6 44.85 -52.17 -10.74
CA THR D 6 43.90 -52.52 -9.68
C THR D 6 43.67 -51.26 -8.85
N LEU D 7 43.02 -51.40 -7.72
CA LEU D 7 42.79 -50.27 -6.79
C LEU D 7 43.97 -50.16 -5.83
N LYS D 8 44.29 -48.94 -5.41
CA LYS D 8 45.34 -48.70 -4.38
C LYS D 8 44.83 -49.00 -2.97
N ASN D 9 43.56 -48.79 -2.69
CA ASN D 9 43.05 -48.96 -1.31
C ASN D 9 41.73 -49.71 -1.35
N ILE D 10 41.32 -50.24 -0.22
CA ILE D 10 39.95 -50.74 -0.01
C ILE D 10 39.01 -49.54 0.08
N ILE D 11 37.80 -49.70 -0.44
CA ILE D 11 36.76 -48.65 -0.30
C ILE D 11 35.39 -49.29 -0.02
N ARG D 12 34.68 -48.73 0.94
CA ARG D 12 33.40 -49.30 1.41
C ARG D 12 32.27 -48.31 1.17
N ALA D 13 31.13 -48.82 0.75
CA ALA D 13 29.96 -47.99 0.46
C ALA D 13 28.67 -48.72 0.81
N THR D 14 27.60 -47.96 0.86
CA THR D 14 26.25 -48.47 1.13
C THR D 14 25.32 -47.95 0.05
N GLY D 15 24.25 -48.68 -0.21
CA GLY D 15 23.19 -48.17 -1.08
C GLY D 15 21.94 -48.97 -0.94
N VAL D 16 21.11 -48.91 -1.96
CA VAL D 16 19.84 -49.65 -1.98
C VAL D 16 19.85 -50.55 -3.21
N GLY D 17 19.42 -51.78 -3.02
CA GLY D 17 19.23 -52.76 -4.09
C GLY D 17 18.03 -52.35 -4.92
N LEU D 18 18.18 -52.39 -6.24
CA LEU D 18 17.12 -52.01 -7.21
C LEU D 18 15.86 -52.84 -6.90
N HIS D 19 15.99 -54.12 -6.54
CA HIS D 19 14.82 -55.03 -6.35
C HIS D 19 14.44 -55.19 -4.88
N SER D 20 15.39 -55.43 -3.97
CA SER D 20 15.06 -55.62 -2.54
C SER D 20 14.49 -54.30 -1.99
N GLY D 21 15.04 -53.18 -2.45
CA GLY D 21 14.69 -51.84 -1.94
C GLY D 21 15.31 -51.62 -0.58
N GLU D 22 16.24 -52.49 -0.20
CA GLU D 22 16.80 -52.49 1.16
C GLU D 22 18.32 -52.32 1.07
N LYS D 23 18.93 -52.04 2.22
CA LYS D 23 20.34 -51.62 2.29
C LYS D 23 21.26 -52.75 1.81
N VAL D 24 22.32 -52.39 1.11
CA VAL D 24 23.39 -53.35 0.70
C VAL D 24 24.74 -52.67 0.90
N TYR D 25 25.68 -53.40 1.51
CA TYR D 25 27.08 -52.98 1.79
C TYR D 25 28.00 -53.42 0.64
N LEU D 26 28.76 -52.47 0.10
CA LEU D 26 29.61 -52.71 -1.08
C LEU D 26 31.07 -52.40 -0.74
N THR D 27 31.94 -53.34 -1.05
CA THR D 27 33.39 -53.19 -0.80
C THR D 27 34.19 -53.48 -2.06
N LEU D 28 35.01 -52.52 -2.47
CA LEU D 28 35.95 -52.75 -3.61
C LEU D 28 37.36 -52.99 -3.05
N LYS D 29 38.01 -54.01 -3.58
CA LYS D 29 39.34 -54.38 -3.08
C LYS D 29 40.33 -54.57 -4.21
N PRO D 30 41.65 -54.28 -3.96
CA PRO D 30 42.71 -54.62 -4.90
C PRO D 30 42.71 -56.12 -5.14
N ALA D 31 43.23 -56.56 -6.28
CA ALA D 31 43.32 -58.00 -6.57
C ALA D 31 44.52 -58.28 -7.45
N PRO D 32 45.09 -59.50 -7.32
CA PRO D 32 46.26 -59.92 -8.08
C PRO D 32 46.10 -59.83 -9.60
N VAL D 33 47.24 -59.82 -10.28
CA VAL D 33 47.32 -59.80 -11.77
C VAL D 33 46.57 -61.02 -12.30
N ASP D 34 45.82 -60.81 -13.39
CA ASP D 34 45.04 -61.83 -14.14
C ASP D 34 43.87 -62.35 -13.29
N THR D 35 43.47 -61.62 -12.24
CA THR D 35 42.32 -61.99 -11.39
C THR D 35 41.02 -61.70 -12.16
N GLY D 36 40.99 -60.59 -12.91
CA GLY D 36 39.75 -60.04 -13.49
C GLY D 36 38.92 -59.33 -12.45
N ILE D 37 37.66 -59.06 -12.77
CA ILE D 37 36.72 -58.48 -11.76
C ILE D 37 35.97 -59.65 -11.14
N VAL D 38 36.06 -59.77 -9.83
CA VAL D 38 35.45 -60.93 -9.13
C VAL D 38 34.45 -60.40 -8.10
N PHE D 39 33.25 -60.97 -8.15
CA PHE D 39 32.17 -60.70 -7.18
C PHE D 39 32.22 -61.80 -6.13
N SER D 40 32.12 -61.43 -4.85
CA SER D 40 31.98 -62.41 -3.74
C SER D 40 30.83 -61.99 -2.82
N ARG D 41 30.05 -62.96 -2.39
CA ARG D 41 28.88 -62.74 -1.51
C ARG D 41 29.31 -63.04 -0.08
N THR D 42 29.41 -62.01 0.74
CA THR D 42 29.90 -62.16 2.13
C THR D 42 28.74 -62.31 3.11
N ASP D 43 27.53 -62.52 2.62
CA ASP D 43 26.36 -62.80 3.48
C ASP D 43 26.16 -64.31 3.51
N LEU D 44 26.98 -65.06 2.78
CA LEU D 44 26.86 -66.53 2.69
C LEU D 44 28.07 -67.18 3.35
N ASP D 45 27.81 -68.29 4.02
CA ASP D 45 28.84 -69.08 4.72
C ASP D 45 28.83 -70.45 4.06
N PRO D 46 29.90 -70.85 3.33
CA PRO D 46 31.10 -70.04 3.15
C PRO D 46 30.85 -69.04 2.03
N VAL D 47 31.76 -68.09 1.88
CA VAL D 47 31.63 -67.01 0.87
C VAL D 47 31.65 -67.63 -0.52
N VAL D 48 30.74 -67.16 -1.38
CA VAL D 48 30.67 -67.60 -2.79
C VAL D 48 31.27 -66.50 -3.67
N GLU D 49 32.20 -66.89 -4.53
CA GLU D 49 32.88 -65.97 -5.48
C GLU D 49 32.37 -66.22 -6.89
N ILE D 50 31.92 -65.17 -7.56
CA ILE D 50 31.48 -65.24 -8.98
C ILE D 50 32.34 -64.30 -9.81
N PRO D 51 33.18 -64.86 -10.69
CA PRO D 51 33.98 -64.08 -11.62
C PRO D 51 33.10 -63.43 -12.70
N ALA D 52 33.39 -62.18 -13.07
CA ALA D 52 32.60 -61.42 -14.05
C ALA D 52 33.02 -61.79 -15.47
N ARG D 53 32.51 -62.90 -15.96
CA ARG D 53 32.86 -63.42 -17.30
C ARG D 53 31.56 -63.68 -18.04
N ALA D 54 31.62 -63.69 -19.36
CA ALA D 54 30.47 -63.88 -20.26
C ALA D 54 29.73 -65.19 -19.94
N GLU D 55 30.48 -66.25 -19.64
CA GLU D 55 29.90 -67.61 -19.48
C GLU D 55 29.15 -67.70 -18.15
N ASN D 56 29.41 -66.81 -17.18
CA ASN D 56 28.71 -66.75 -15.87
C ASN D 56 27.42 -65.92 -15.91
N VAL D 57 26.96 -65.52 -17.09
CA VAL D 57 25.71 -64.72 -17.19
C VAL D 57 24.47 -65.63 -17.30
N GLY D 58 23.45 -65.39 -16.50
CA GLY D 58 22.21 -66.18 -16.52
C GLY D 58 21.08 -65.38 -17.10
N GLU D 59 20.10 -66.01 -17.75
CA GLU D 59 19.00 -65.34 -18.50
C GLU D 59 18.35 -64.27 -17.64
N THR D 60 18.18 -63.08 -18.21
CA THR D 60 17.68 -62.01 -17.34
C THR D 60 16.92 -60.93 -18.11
N THR D 61 15.80 -60.59 -17.51
CA THR D 61 14.75 -59.66 -17.96
C THR D 61 15.23 -58.20 -17.96
N MET D 62 15.63 -57.70 -16.78
CA MET D 62 15.79 -56.24 -16.57
C MET D 62 17.24 -55.83 -16.78
N SER D 63 18.15 -56.54 -16.14
CA SER D 63 19.56 -56.12 -15.98
C SER D 63 20.47 -57.32 -16.12
N THR D 64 21.78 -57.14 -16.23
CA THR D 64 22.77 -58.24 -16.39
C THR D 64 23.01 -58.94 -15.05
N THR D 65 22.78 -60.24 -14.97
CA THR D 65 22.93 -60.96 -13.70
C THR D 65 24.01 -62.04 -13.83
N LEU D 66 24.87 -62.18 -12.83
CA LEU D 66 25.91 -63.24 -12.82
C LEU D 66 25.44 -64.40 -11.97
N VAL D 67 25.70 -65.63 -12.40
CA VAL D 67 25.14 -66.85 -11.74
C VAL D 67 26.19 -67.97 -11.60
N LYS D 68 26.26 -68.53 -10.39
CA LYS D 68 27.12 -69.70 -10.03
C LYS D 68 26.29 -70.64 -9.15
N GLY D 69 25.95 -71.82 -9.69
CA GLY D 69 25.00 -72.75 -9.07
C GLY D 69 23.67 -72.07 -8.80
N ASP D 70 23.34 -71.83 -7.52
CA ASP D 70 22.06 -71.22 -7.11
C ASP D 70 22.32 -69.84 -6.50
N VAL D 71 23.51 -69.28 -6.69
CA VAL D 71 23.86 -67.93 -6.16
C VAL D 71 23.88 -66.96 -7.35
N LYS D 72 23.49 -65.71 -7.11
CA LYS D 72 23.40 -64.71 -8.21
C LYS D 72 23.91 -63.36 -7.74
N VAL D 73 24.25 -62.51 -8.71
CA VAL D 73 24.48 -61.09 -8.44
C VAL D 73 23.78 -60.32 -9.54
N ASP D 74 22.80 -59.54 -9.11
CA ASP D 74 21.92 -58.72 -9.97
C ASP D 74 22.64 -57.41 -10.28
N THR D 75 22.32 -56.84 -11.44
CA THR D 75 22.60 -55.42 -11.77
C THR D 75 24.12 -55.15 -11.73
N VAL D 76 24.89 -55.92 -12.50
CA VAL D 76 26.38 -55.77 -12.55
C VAL D 76 26.81 -54.72 -13.58
N GLU D 77 25.96 -54.24 -14.49
CA GLU D 77 26.44 -53.50 -15.70
C GLU D 77 27.04 -52.13 -15.33
N HIS D 78 26.44 -51.37 -14.42
CA HIS D 78 26.83 -49.95 -14.20
C HIS D 78 28.20 -49.93 -13.54
N LEU D 79 28.44 -50.85 -12.61
CA LEU D 79 29.74 -50.96 -11.90
C LEU D 79 30.84 -51.42 -12.87
N LEU D 80 30.59 -52.48 -13.65
CA LEU D 80 31.59 -53.01 -14.61
C LEU D 80 31.87 -51.95 -15.68
N SER D 81 30.91 -51.08 -15.94
CA SER D 81 31.09 -49.99 -16.92
C SER D 81 32.14 -49.02 -16.39
N ALA D 82 32.06 -48.69 -15.10
CA ALA D 82 33.00 -47.75 -14.44
C ALA D 82 34.40 -48.36 -14.46
N MET D 83 34.50 -49.65 -14.12
CA MET D 83 35.78 -50.41 -14.12
C MET D 83 36.40 -50.32 -15.51
N ALA D 84 35.62 -50.60 -16.56
CA ALA D 84 36.11 -50.62 -17.95
C ALA D 84 36.58 -49.22 -18.35
N GLY D 85 35.81 -48.19 -17.99
CA GLY D 85 36.10 -46.79 -18.31
C GLY D 85 37.39 -46.29 -17.67
N LEU D 86 37.75 -46.76 -16.48
CA LEU D 86 38.97 -46.28 -15.79
C LEU D 86 40.10 -47.29 -15.93
N GLY D 87 39.90 -48.39 -16.66
CA GLY D 87 40.94 -49.38 -17.00
C GLY D 87 41.29 -50.27 -15.82
N ILE D 88 40.31 -50.60 -14.97
CA ILE D 88 40.59 -51.51 -13.83
C ILE D 88 40.48 -52.94 -14.34
N ASP D 89 41.63 -53.62 -14.44
CA ASP D 89 41.74 -55.03 -14.87
C ASP D 89 41.35 -55.96 -13.74
N ASN D 90 41.75 -55.68 -12.50
CA ASN D 90 41.72 -56.66 -11.40
C ASN D 90 41.04 -56.05 -10.17
N ALA D 91 39.99 -56.69 -9.63
CA ALA D 91 39.34 -56.19 -8.41
C ALA D 91 38.43 -57.22 -7.78
N TYR D 92 38.29 -57.11 -6.46
CA TYR D 92 37.31 -57.87 -5.66
C TYR D 92 36.16 -56.93 -5.35
N VAL D 93 34.95 -57.39 -5.57
CA VAL D 93 33.73 -56.63 -5.23
C VAL D 93 32.93 -57.47 -4.25
N GLU D 94 32.88 -57.02 -3.01
CA GLU D 94 32.13 -57.72 -1.95
C GLU D 94 30.73 -57.13 -1.83
N LEU D 95 29.75 -58.00 -1.64
CA LEU D 95 28.34 -57.59 -1.53
C LEU D 95 27.74 -58.32 -0.34
N SER D 96 26.90 -57.62 0.40
CA SER D 96 26.16 -58.15 1.56
C SER D 96 24.76 -58.62 1.13
N ALA D 97 24.41 -58.47 -0.16
CA ALA D 97 23.11 -58.92 -0.72
C ALA D 97 23.33 -59.55 -2.10
N SER D 98 22.26 -59.97 -2.77
CA SER D 98 22.31 -60.64 -4.11
C SER D 98 22.41 -59.63 -5.26
N GLU D 99 22.74 -58.37 -4.97
CA GLU D 99 22.80 -57.34 -6.02
C GLU D 99 23.70 -56.17 -5.65
N VAL D 100 24.18 -55.49 -6.68
CA VAL D 100 24.96 -54.24 -6.57
C VAL D 100 23.96 -53.15 -6.24
N PRO D 101 24.24 -52.26 -5.24
CA PRO D 101 23.33 -51.15 -4.97
C PRO D 101 23.23 -50.23 -6.19
N ILE D 102 22.00 -49.82 -6.52
CA ILE D 102 21.71 -49.05 -7.77
C ILE D 102 22.40 -47.68 -7.73
N MET D 103 22.57 -47.10 -6.53
CA MET D 103 23.15 -45.76 -6.32
C MET D 103 22.26 -44.73 -7.06
N ASP D 104 22.79 -43.86 -7.92
CA ASP D 104 21.97 -42.90 -8.72
C ASP D 104 21.59 -43.49 -10.09
N GLY D 105 21.88 -44.77 -10.35
CA GLY D 105 21.44 -45.48 -11.55
C GLY D 105 22.38 -45.27 -12.71
N SER D 106 23.53 -44.66 -12.47
CA SER D 106 24.56 -44.44 -13.52
C SER D 106 25.84 -45.14 -13.08
N ALA D 107 26.93 -44.96 -13.82
CA ALA D 107 28.28 -45.47 -13.48
C ALA D 107 29.05 -44.45 -12.63
N GLY D 108 28.52 -43.23 -12.46
CA GLY D 108 29.21 -42.07 -11.86
C GLY D 108 29.58 -42.25 -10.39
N PRO D 109 28.66 -42.72 -9.52
CA PRO D 109 29.02 -42.97 -8.13
C PRO D 109 30.16 -43.99 -8.06
N PHE D 110 30.13 -45.02 -8.93
CA PHE D 110 31.18 -46.08 -8.98
C PHE D 110 32.49 -45.54 -9.56
N VAL D 111 32.41 -44.65 -10.54
CA VAL D 111 33.62 -43.96 -11.09
C VAL D 111 34.26 -43.14 -9.98
N PHE D 112 33.43 -42.41 -9.22
CA PHE D 112 33.87 -41.54 -8.10
C PHE D 112 34.56 -42.34 -7.01
N LEU D 113 33.99 -43.50 -6.65
CA LEU D 113 34.55 -44.42 -5.64
C LEU D 113 35.92 -44.88 -6.10
N ILE D 114 36.03 -45.40 -7.32
CA ILE D 114 37.29 -45.95 -7.86
C ILE D 114 38.33 -44.83 -7.88
N GLN D 115 37.94 -43.64 -8.35
CA GLN D 115 38.88 -42.49 -8.43
C GLN D 115 39.40 -42.12 -7.05
N SER D 116 38.54 -42.14 -6.03
CA SER D 116 38.91 -41.78 -4.64
C SER D 116 39.91 -42.79 -4.08
N ALA D 117 39.61 -44.07 -4.26
CA ALA D 117 40.46 -45.20 -3.78
C ALA D 117 41.82 -45.15 -4.47
N GLY D 118 41.91 -44.62 -5.68
CA GLY D 118 43.19 -44.50 -6.38
C GLY D 118 43.48 -45.66 -7.30
N LEU D 119 44.35 -45.41 -8.25
CA LEU D 119 44.73 -46.38 -9.29
C LEU D 119 46.09 -46.99 -8.94
N GLN D 120 46.22 -48.29 -9.13
CA GLN D 120 47.51 -48.96 -8.80
C GLN D 120 47.98 -49.80 -9.99
N GLU D 121 49.10 -49.40 -10.60
CA GLU D 121 49.76 -50.17 -11.69
C GLU D 121 50.34 -51.45 -11.11
N GLN D 122 50.14 -52.57 -11.79
CA GLN D 122 50.72 -53.88 -11.41
C GLN D 122 51.83 -54.25 -12.39
N GLU D 123 52.83 -54.99 -11.93
CA GLU D 123 54.01 -55.34 -12.76
C GLU D 123 53.63 -56.55 -13.61
N ALA D 124 52.83 -56.30 -14.64
CA ALA D 124 52.41 -57.30 -15.66
C ALA D 124 51.76 -56.54 -16.81
N ALA D 125 51.90 -57.04 -18.03
CA ALA D 125 51.34 -56.44 -19.27
C ALA D 125 49.80 -56.48 -19.24
N LYS D 126 49.19 -55.37 -19.65
CA LYS D 126 47.74 -55.30 -19.89
C LYS D 126 47.39 -56.05 -21.17
N LYS D 127 46.43 -56.94 -21.07
CA LYS D 127 46.00 -57.78 -22.20
C LYS D 127 44.74 -57.18 -22.78
N PHE D 128 44.77 -56.96 -24.08
CA PHE D 128 43.65 -56.38 -24.84
C PHE D 128 43.06 -57.46 -25.75
N ILE D 129 41.77 -57.37 -25.96
CA ILE D 129 41.13 -58.25 -26.97
C ILE D 129 40.92 -57.36 -28.18
N ARG D 130 41.50 -57.76 -29.29
CA ARG D 130 41.44 -56.97 -30.54
C ARG D 130 40.52 -57.69 -31.54
N ILE D 131 39.57 -56.96 -32.14
CA ILE D 131 38.63 -57.55 -33.14
C ILE D 131 39.36 -57.67 -34.48
N LYS D 132 39.50 -58.90 -34.98
CA LYS D 132 40.20 -59.21 -36.25
C LYS D 132 39.22 -59.13 -37.43
N ARG D 133 37.96 -59.53 -37.24
CA ARG D 133 36.94 -59.40 -38.30
C ARG D 133 35.57 -59.21 -37.66
N GLU D 134 34.61 -58.80 -38.48
CA GLU D 134 33.24 -58.46 -38.05
C GLU D 134 32.52 -59.70 -37.50
N VAL D 135 31.75 -59.50 -36.43
CA VAL D 135 30.86 -60.53 -35.81
C VAL D 135 29.53 -59.84 -35.50
N SER D 136 28.41 -60.52 -35.67
CA SER D 136 27.11 -59.88 -35.39
C SER D 136 26.02 -60.87 -35.00
N VAL D 137 25.02 -60.37 -34.32
CA VAL D 137 23.89 -61.16 -33.78
C VAL D 137 22.64 -60.33 -34.04
N GLU D 138 21.54 -61.01 -34.27
CA GLU D 138 20.30 -60.34 -34.74
C GLU D 138 19.09 -61.09 -34.18
N GLU D 139 18.16 -60.36 -33.56
CA GLU D 139 16.93 -60.93 -32.95
C GLU D 139 15.75 -60.03 -33.30
N GLY D 140 14.94 -60.48 -34.27
CA GLY D 140 13.91 -59.67 -34.92
C GLY D 140 14.55 -58.43 -35.52
N ASP D 141 14.21 -57.26 -34.98
CA ASP D 141 14.69 -55.97 -35.52
C ASP D 141 15.87 -55.47 -34.70
N LYS D 142 16.37 -56.28 -33.77
CA LYS D 142 17.49 -55.88 -32.90
C LYS D 142 18.79 -56.49 -33.42
N ARG D 143 19.85 -55.69 -33.41
CA ARG D 143 21.16 -56.11 -33.94
C ARG D 143 22.28 -55.53 -33.09
N ALA D 144 23.32 -56.32 -32.88
CA ALA D 144 24.55 -55.91 -32.17
C ALA D 144 25.75 -56.41 -32.96
N VAL D 145 26.76 -55.56 -33.15
CA VAL D 145 27.88 -55.88 -34.09
C VAL D 145 29.24 -55.54 -33.48
N PHE D 146 30.24 -56.37 -33.75
CA PHE D 146 31.67 -56.05 -33.50
C PHE D 146 32.35 -55.79 -34.84
N VAL D 147 32.99 -54.64 -34.96
CA VAL D 147 33.72 -54.22 -36.18
C VAL D 147 35.15 -53.88 -35.79
N PRO D 148 36.13 -54.35 -36.58
CA PRO D 148 37.52 -53.99 -36.33
C PRO D 148 37.69 -52.47 -36.33
N PHE D 149 38.45 -51.94 -35.38
CA PHE D 149 38.67 -50.48 -35.28
C PHE D 149 39.96 -50.26 -34.51
N ASP D 150 40.82 -49.39 -35.02
CA ASP D 150 42.11 -49.13 -34.35
C ASP D 150 41.87 -48.09 -33.24
N GLY D 151 41.41 -48.56 -32.09
CA GLY D 151 40.97 -47.74 -30.95
C GLY D 151 39.75 -48.37 -30.33
N PHE D 152 38.94 -47.59 -29.61
CA PHE D 152 37.71 -48.15 -28.97
C PHE D 152 36.55 -47.19 -29.24
N LYS D 153 35.47 -47.73 -29.82
CA LYS D 153 34.33 -46.93 -30.26
C LYS D 153 33.05 -47.70 -30.02
N VAL D 154 31.99 -46.99 -29.65
CA VAL D 154 30.70 -47.59 -29.29
C VAL D 154 29.59 -46.73 -29.89
N SER D 155 28.72 -47.34 -30.66
CA SER D 155 27.60 -46.61 -31.31
C SER D 155 26.31 -47.31 -30.94
N PHE D 156 25.26 -46.54 -30.75
CA PHE D 156 23.96 -47.12 -30.40
C PHE D 156 22.89 -46.33 -31.11
N GLU D 157 21.79 -46.99 -31.36
CA GLU D 157 20.69 -46.39 -32.12
C GLU D 157 19.42 -47.07 -31.66
N ILE D 158 18.42 -46.29 -31.31
CA ILE D 158 17.13 -46.93 -30.96
C ILE D 158 15.99 -46.05 -31.42
N ASP D 159 15.14 -46.69 -32.21
CA ASP D 159 13.93 -46.10 -32.80
C ASP D 159 12.82 -46.49 -31.83
N PHE D 160 12.71 -45.80 -30.70
CA PHE D 160 11.80 -46.20 -29.62
C PHE D 160 10.49 -45.43 -29.75
N ASP D 161 9.35 -46.13 -29.77
CA ASP D 161 8.03 -45.50 -30.05
C ASP D 161 7.36 -45.01 -28.76
N HIS D 162 7.74 -43.82 -28.33
CA HIS D 162 7.11 -43.11 -27.20
C HIS D 162 7.16 -41.63 -27.50
N PRO D 163 6.07 -40.87 -27.25
CA PRO D 163 5.99 -39.46 -27.59
C PRO D 163 7.13 -38.58 -27.05
N VAL D 164 7.79 -39.06 -26.01
CA VAL D 164 8.95 -38.37 -25.37
C VAL D 164 9.99 -38.04 -26.47
N PHE D 165 10.21 -38.96 -27.42
CA PHE D 165 11.30 -38.90 -28.43
C PHE D 165 10.85 -38.16 -29.70
N ARG D 166 9.65 -37.57 -29.71
CA ARG D 166 9.18 -36.73 -30.85
C ARG D 166 9.30 -37.49 -32.17
N GLY D 167 8.97 -38.79 -32.18
CA GLY D 167 9.05 -39.66 -33.38
C GLY D 167 10.40 -39.62 -34.08
N ARG D 168 11.49 -39.48 -33.34
CA ARG D 168 12.87 -39.46 -33.90
C ARG D 168 13.64 -40.65 -33.39
N THR D 169 14.51 -41.19 -34.23
CA THR D 169 15.48 -42.24 -33.85
C THR D 169 16.46 -41.60 -32.88
N GLN D 170 16.75 -42.31 -31.79
CA GLN D 170 17.77 -41.88 -30.81
C GLN D 170 19.09 -42.57 -31.15
N GLN D 171 20.15 -41.79 -31.36
CA GLN D 171 21.47 -42.41 -31.62
C GLN D 171 22.62 -41.55 -31.11
N ALA D 172 23.70 -42.23 -30.73
CA ALA D 172 24.99 -41.63 -30.32
C ALA D 172 26.14 -42.50 -30.82
N SER D 173 27.23 -41.84 -31.14
CA SER D 173 28.50 -42.53 -31.47
C SER D 173 29.59 -41.91 -30.61
N VAL D 174 30.36 -42.74 -29.91
CA VAL D 174 31.41 -42.22 -28.99
C VAL D 174 32.75 -42.90 -29.28
N ASP D 175 33.69 -42.15 -29.83
CA ASP D 175 35.08 -42.62 -29.94
C ASP D 175 35.79 -42.21 -28.65
N PHE D 176 36.37 -43.16 -27.94
CA PHE D 176 36.97 -42.90 -26.60
C PHE D 176 38.40 -42.36 -26.70
N SER D 177 38.99 -42.23 -27.89
CA SER D 177 40.26 -41.46 -28.03
C SER D 177 39.96 -39.96 -27.88
N SER D 178 38.85 -39.48 -28.44
CA SER D 178 38.47 -38.04 -28.44
C SER D 178 37.38 -37.74 -27.40
N THR D 179 36.64 -38.73 -26.90
CA THR D 179 35.54 -38.47 -25.95
C THR D 179 35.82 -39.12 -24.61
N SER D 180 35.64 -38.35 -23.54
CA SER D 180 35.85 -38.78 -22.15
C SER D 180 34.66 -39.62 -21.71
N PHE D 181 34.90 -40.85 -21.29
CA PHE D 181 33.89 -41.74 -20.70
C PHE D 181 33.31 -41.12 -19.43
N VAL D 182 34.20 -40.62 -18.57
CA VAL D 182 33.80 -40.08 -17.24
C VAL D 182 32.91 -38.85 -17.44
N LYS D 183 33.39 -37.84 -18.16
CA LYS D 183 32.66 -36.54 -18.38
C LYS D 183 31.37 -36.79 -19.18
N GLU D 184 31.38 -37.62 -20.22
CA GLU D 184 30.28 -37.59 -21.22
C GLU D 184 29.37 -38.81 -21.17
N VAL D 185 29.80 -39.93 -20.60
CA VAL D 185 28.96 -41.16 -20.65
C VAL D 185 28.61 -41.64 -19.24
N SER D 186 29.50 -41.52 -18.25
CA SER D 186 29.42 -42.26 -16.96
C SER D 186 28.15 -41.92 -16.16
N ARG D 187 27.64 -40.69 -16.25
CA ARG D 187 26.59 -40.18 -15.34
C ARG D 187 25.21 -40.29 -15.97
N ALA D 188 25.07 -40.90 -17.14
CA ALA D 188 23.78 -41.01 -17.85
C ALA D 188 22.88 -42.03 -17.16
N ARG D 189 21.58 -41.73 -17.13
CA ARG D 189 20.57 -42.63 -16.55
C ARG D 189 19.55 -43.03 -17.60
N THR D 190 18.90 -44.14 -17.32
CA THR D 190 17.90 -44.71 -18.23
C THR D 190 16.58 -44.00 -18.01
N PHE D 191 15.66 -44.30 -18.90
CA PHE D 191 14.27 -43.80 -18.86
C PHE D 191 13.47 -44.95 -18.28
N GLY D 192 12.84 -44.72 -17.13
CA GLY D 192 11.80 -45.63 -16.59
C GLY D 192 10.43 -45.24 -17.13
N PHE D 193 9.55 -46.22 -17.34
CA PHE D 193 8.14 -45.92 -17.72
C PHE D 193 7.25 -46.42 -16.59
N MET D 194 6.30 -45.58 -16.15
CA MET D 194 5.34 -45.87 -15.07
C MET D 194 4.61 -47.19 -15.33
N ARG D 195 4.18 -47.42 -16.57
CA ARG D 195 3.54 -48.69 -16.98
C ARG D 195 4.38 -49.85 -16.42
N ASP D 196 5.67 -49.84 -16.73
CA ASP D 196 6.62 -50.93 -16.36
C ASP D 196 6.77 -50.97 -14.83
N ILE D 197 7.13 -49.85 -14.21
CA ILE D 197 7.56 -49.82 -12.78
C ILE D 197 6.38 -50.14 -11.85
N GLU D 198 5.22 -49.56 -12.12
CA GLU D 198 4.02 -49.82 -11.29
C GLU D 198 3.74 -51.32 -11.36
N TYR D 199 3.92 -51.95 -12.52
CA TYR D 199 3.70 -53.40 -12.70
C TYR D 199 4.64 -54.17 -11.78
N LEU D 200 5.94 -53.88 -11.91
CA LEU D 200 7.02 -54.52 -11.11
C LEU D 200 6.78 -54.25 -9.63
N ARG D 201 6.29 -53.06 -9.26
CA ARG D 201 6.09 -52.66 -7.84
C ARG D 201 4.80 -53.23 -7.23
N SER D 202 3.81 -53.71 -8.02
CA SER D 202 2.61 -54.44 -7.54
C SER D 202 3.05 -55.65 -6.70
N GLN D 203 4.12 -56.30 -7.15
CA GLN D 203 4.86 -57.37 -6.44
C GLN D 203 6.00 -56.68 -5.68
N ASN D 204 6.92 -57.42 -5.09
CA ASN D 204 8.04 -56.78 -4.34
C ASN D 204 9.26 -56.67 -5.25
N LEU D 205 9.05 -56.27 -6.51
CA LEU D 205 10.14 -56.08 -7.51
C LEU D 205 10.40 -54.59 -7.67
N ALA D 206 11.63 -54.21 -8.03
CA ALA D 206 12.03 -52.82 -8.32
C ALA D 206 11.62 -51.88 -7.18
N LEU D 207 11.66 -52.34 -5.93
CA LEU D 207 11.41 -51.51 -4.73
C LEU D 207 12.46 -50.38 -4.66
N GLY D 208 13.64 -50.58 -5.26
CA GLY D 208 14.76 -49.62 -5.17
C GLY D 208 14.68 -48.51 -6.20
N GLY D 209 13.97 -48.72 -7.30
CA GLY D 209 13.88 -47.75 -8.40
C GLY D 209 13.04 -46.55 -8.02
N SER D 210 13.51 -45.35 -8.30
CA SER D 210 12.73 -44.13 -8.03
C SER D 210 13.24 -43.01 -8.92
N VAL D 211 12.69 -41.82 -8.72
CA VAL D 211 13.22 -40.58 -9.35
C VAL D 211 14.70 -40.41 -9.00
N GLU D 212 15.18 -41.04 -7.92
CA GLU D 212 16.58 -40.86 -7.43
C GLU D 212 17.57 -41.48 -8.42
N ASN D 213 17.18 -42.59 -9.05
CA ASN D 213 18.11 -43.45 -9.81
C ASN D 213 17.68 -43.59 -11.28
N ALA D 214 16.58 -42.96 -11.69
CA ALA D 214 16.09 -43.04 -13.09
C ALA D 214 15.30 -41.79 -13.48
N ILE D 215 15.24 -41.53 -14.77
CA ILE D 215 14.39 -40.47 -15.35
C ILE D 215 13.02 -41.09 -15.61
N VAL D 216 12.03 -40.69 -14.81
CA VAL D 216 10.70 -41.34 -14.82
C VAL D 216 9.81 -40.68 -15.88
N VAL D 217 9.14 -41.53 -16.64
CA VAL D 217 8.30 -41.13 -17.80
C VAL D 217 6.95 -41.86 -17.72
N ASP D 218 5.84 -41.15 -17.93
CA ASP D 218 4.47 -41.72 -18.12
C ASP D 218 4.26 -42.02 -19.63
N GLU D 219 3.01 -42.18 -20.08
CA GLU D 219 2.69 -42.38 -21.51
C GLU D 219 3.12 -41.15 -22.33
N ASN D 220 3.06 -39.97 -21.72
CA ASN D 220 3.31 -38.70 -22.44
C ASN D 220 4.77 -38.23 -22.30
N ARG D 221 5.30 -38.05 -21.09
CA ARG D 221 6.53 -37.22 -20.98
C ARG D 221 7.35 -37.48 -19.72
N VAL D 222 8.58 -36.99 -19.77
CA VAL D 222 9.54 -37.03 -18.65
C VAL D 222 8.93 -36.21 -17.53
N LEU D 223 8.79 -36.80 -16.35
CA LEU D 223 7.98 -36.18 -15.28
C LEU D 223 8.69 -35.00 -14.65
N ASN D 224 9.98 -35.09 -14.37
CA ASN D 224 10.71 -33.84 -14.05
C ASN D 224 12.01 -33.84 -14.82
N GLU D 225 12.12 -32.84 -15.68
CA GLU D 225 13.26 -32.63 -16.61
C GLU D 225 14.44 -32.10 -15.79
N ASP D 226 14.22 -31.78 -14.51
CA ASP D 226 15.32 -31.45 -13.57
C ASP D 226 16.32 -32.61 -13.52
N GLY D 227 15.84 -33.86 -13.64
CA GLY D 227 16.65 -35.10 -13.58
C GLY D 227 17.60 -35.24 -14.77
N LEU D 228 17.44 -34.43 -15.81
CA LEU D 228 18.25 -34.59 -17.04
C LEU D 228 19.66 -34.08 -16.78
N ARG D 229 20.64 -34.88 -17.18
CA ARG D 229 22.07 -34.50 -17.13
C ARG D 229 22.64 -34.32 -18.53
N TYR D 230 22.03 -34.93 -19.56
CA TYR D 230 22.59 -34.88 -20.93
C TYR D 230 21.52 -34.78 -22.03
N GLU D 231 21.88 -34.17 -23.15
CA GLU D 231 21.17 -34.36 -24.44
C GLU D 231 21.46 -35.78 -24.92
N ASP D 232 20.47 -36.48 -25.48
CA ASP D 232 20.60 -37.88 -25.96
C ASP D 232 20.91 -38.78 -24.78
N GLU D 233 20.39 -38.45 -23.59
CA GLU D 233 20.78 -39.16 -22.34
C GLU D 233 20.41 -40.64 -22.46
N PHE D 234 19.28 -40.96 -23.06
CA PHE D 234 18.77 -42.35 -23.09
C PHE D 234 19.75 -43.21 -23.91
N VAL D 235 20.24 -42.73 -25.05
CA VAL D 235 21.21 -43.53 -25.88
C VAL D 235 22.55 -43.63 -25.15
N LYS D 236 22.95 -42.60 -24.40
CA LYS D 236 24.20 -42.67 -23.62
C LYS D 236 24.06 -43.68 -22.48
N HIS D 237 22.88 -43.89 -21.88
CA HIS D 237 22.76 -44.98 -20.87
C HIS D 237 22.97 -46.31 -21.59
N LYS D 238 22.46 -46.44 -22.81
CA LYS D 238 22.58 -47.69 -23.58
C LYS D 238 24.05 -47.94 -23.88
N ILE D 239 24.80 -46.89 -24.22
CA ILE D 239 26.26 -46.98 -24.44
C ILE D 239 26.95 -47.41 -23.14
N LEU D 240 26.56 -46.80 -22.02
CA LEU D 240 27.15 -47.12 -20.69
C LEU D 240 26.86 -48.59 -20.38
N ASP D 241 25.63 -49.06 -20.60
CA ASP D 241 25.24 -50.47 -20.44
C ASP D 241 26.12 -51.36 -21.32
N ALA D 242 26.25 -51.02 -22.59
CA ALA D 242 27.05 -51.82 -23.55
C ALA D 242 28.48 -51.95 -23.05
N ILE D 243 29.08 -50.87 -22.54
CA ILE D 243 30.53 -50.88 -22.17
C ILE D 243 30.70 -51.86 -21.02
N GLY D 244 29.76 -51.85 -20.07
CA GLY D 244 29.77 -52.73 -18.90
C GLY D 244 29.56 -54.18 -19.30
N ASP D 245 28.60 -54.42 -20.19
CA ASP D 245 28.36 -55.76 -20.74
C ASP D 245 29.63 -56.30 -21.41
N LEU D 246 30.34 -55.50 -22.22
CA LEU D 246 31.49 -56.01 -23.04
C LEU D 246 32.67 -56.29 -22.13
N TYR D 247 32.68 -55.73 -20.93
CA TYR D 247 33.81 -55.95 -20.01
C TYR D 247 33.78 -57.37 -19.44
N LEU D 248 32.67 -58.08 -19.61
CA LEU D 248 32.54 -59.49 -19.14
C LEU D 248 33.42 -60.42 -19.99
N LEU D 249 33.96 -59.92 -21.11
CA LEU D 249 35.03 -60.60 -21.86
C LEU D 249 36.26 -60.77 -20.97
N GLY D 250 36.40 -59.91 -19.96
CA GLY D 250 37.48 -59.97 -18.95
C GLY D 250 38.70 -59.18 -19.36
N ASN D 251 38.63 -58.40 -20.44
CA ASN D 251 39.76 -57.53 -20.89
C ASN D 251 39.21 -56.38 -21.70
N SER D 252 39.99 -55.31 -21.85
CA SER D 252 39.61 -54.15 -22.68
C SER D 252 39.60 -54.56 -24.14
N LEU D 253 38.76 -53.88 -24.89
CA LEU D 253 38.39 -54.22 -26.28
C LEU D 253 39.07 -53.19 -27.19
N ILE D 254 39.84 -53.66 -28.18
CA ILE D 254 40.34 -52.80 -29.30
C ILE D 254 39.47 -53.09 -30.52
N GLY D 255 38.56 -52.18 -30.84
CA GLY D 255 37.60 -52.38 -31.93
C GLY D 255 36.35 -51.56 -31.73
N GLU D 256 35.28 -51.90 -32.45
CA GLU D 256 34.07 -51.06 -32.52
C GLU D 256 32.84 -51.93 -32.23
N PHE D 257 31.89 -51.37 -31.48
CA PHE D 257 30.60 -52.03 -31.22
C PHE D 257 29.50 -51.15 -31.78
N ARG D 258 28.46 -51.77 -32.33
CA ARG D 258 27.29 -51.05 -32.88
C ARG D 258 26.03 -51.70 -32.36
N GLY D 259 25.25 -50.92 -31.61
CA GLY D 259 23.95 -51.34 -31.06
C GLY D 259 22.82 -50.82 -31.92
N PHE D 260 21.87 -51.70 -32.23
CA PHE D 260 20.65 -51.35 -32.97
C PHE D 260 19.50 -51.88 -32.14
N LYS D 261 19.01 -51.05 -31.23
CA LYS D 261 17.86 -51.38 -30.37
C LYS D 261 18.19 -52.57 -29.46
N SER D 262 19.48 -52.80 -29.17
CA SER D 262 19.94 -54.01 -28.42
C SER D 262 19.97 -53.75 -26.91
N GLY D 263 20.22 -54.80 -26.17
CA GLY D 263 20.27 -54.74 -24.70
C GLY D 263 21.04 -55.92 -24.17
N HIS D 264 20.75 -56.28 -22.93
CA HIS D 264 21.57 -57.24 -22.15
C HIS D 264 21.64 -58.60 -22.84
N ALA D 265 20.51 -59.12 -23.33
CA ALA D 265 20.41 -60.46 -23.96
C ALA D 265 21.34 -60.51 -25.18
N LEU D 266 21.15 -59.60 -26.13
CA LEU D 266 21.89 -59.58 -27.41
C LEU D 266 23.36 -59.24 -27.13
N ASN D 267 23.60 -58.33 -26.21
CA ASN D 267 24.99 -57.93 -25.87
C ASN D 267 25.76 -59.18 -25.44
N ASN D 268 25.14 -60.01 -24.61
CA ASN D 268 25.79 -61.26 -24.13
C ASN D 268 25.82 -62.32 -25.25
N GLN D 269 24.79 -62.38 -26.11
CA GLN D 269 24.81 -63.32 -27.26
C GLN D 269 26.02 -62.97 -28.13
N LEU D 270 26.24 -61.67 -28.34
CA LEU D 270 27.36 -61.19 -29.18
C LEU D 270 28.68 -61.65 -28.56
N LEU D 271 28.87 -61.52 -27.25
CA LEU D 271 30.14 -61.92 -26.61
C LEU D 271 30.35 -63.41 -26.85
N ARG D 272 29.33 -64.23 -26.54
CA ARG D 272 29.38 -65.69 -26.72
C ARG D 272 29.70 -66.02 -28.18
N THR D 273 29.06 -65.34 -29.12
CA THR D 273 29.25 -65.51 -30.59
C THR D 273 30.70 -65.17 -30.97
N LEU D 274 31.27 -64.16 -30.32
CA LEU D 274 32.66 -63.70 -30.60
C LEU D 274 33.61 -64.79 -30.13
N ILE D 275 33.35 -65.25 -28.92
CA ILE D 275 34.23 -66.19 -28.19
C ILE D 275 34.32 -67.47 -29.04
N ALA D 276 33.18 -67.92 -29.58
CA ALA D 276 33.06 -69.05 -30.52
C ALA D 276 33.94 -68.82 -31.76
N ASP D 277 33.87 -67.64 -32.37
CA ASP D 277 34.62 -67.29 -33.59
C ASP D 277 36.03 -66.82 -33.22
N LYS D 278 36.91 -67.76 -32.93
CA LYS D 278 38.31 -67.51 -32.49
C LYS D 278 39.18 -66.84 -33.56
N ASP D 279 38.85 -66.95 -34.84
CA ASP D 279 39.60 -66.27 -35.93
C ASP D 279 39.26 -64.78 -35.97
N ALA D 280 38.22 -64.36 -35.25
CA ALA D 280 37.71 -62.97 -35.31
C ALA D 280 38.30 -62.11 -34.19
N TRP D 281 39.10 -62.66 -33.29
CA TRP D 281 39.76 -61.83 -32.25
C TRP D 281 41.11 -62.41 -31.85
N GLU D 282 41.96 -61.59 -31.24
CA GLU D 282 43.27 -62.02 -30.71
C GLU D 282 43.61 -61.20 -29.48
N VAL D 283 44.52 -61.71 -28.65
CA VAL D 283 44.96 -61.00 -27.43
C VAL D 283 46.31 -60.34 -27.70
N VAL D 284 46.48 -59.08 -27.28
CA VAL D 284 47.73 -58.32 -27.56
C VAL D 284 48.10 -57.46 -26.37
N THR D 285 49.33 -57.00 -26.40
CA THR D 285 49.95 -56.15 -25.38
C THR D 285 50.73 -55.08 -26.13
N PHE D 286 51.02 -53.96 -25.50
CA PHE D 286 51.73 -52.85 -26.18
C PHE D 286 52.95 -52.40 -25.39
N GLU D 287 53.63 -51.41 -25.97
CA GLU D 287 54.69 -50.62 -25.33
C GLU D 287 54.15 -49.22 -25.05
N ASP D 288 54.56 -48.62 -23.94
CA ASP D 288 54.16 -47.25 -23.55
C ASP D 288 55.16 -46.24 -24.15
#